data_8V9A
#
_entry.id   8V9A
#
_cell.length_a   62.704
_cell.length_b   71.156
_cell.length_c   78.386
_cell.angle_alpha   90.00
_cell.angle_beta   110.04
_cell.angle_gamma   90.00
#
_symmetry.space_group_name_H-M   'P 1 21 1'
#
loop_
_entity.id
_entity.type
_entity.pdbx_description
1 polymer 'Capsid protein VP1'
2 non-polymer 1,2-ETHANEDIOL
3 water water
#
_entity_poly.entity_id   1
_entity_poly.type   'polypeptide(L)'
_entity_poly.pdbx_seq_one_letter_code
;MKMASNDAAPSNDGAAGLVPEINNETMALEPVAGGAIAAPLTGQTNFIDPWIRGNYVQAPNGEFTVSPRNSPGEILLNLE
LGPELNPFLAHLSRMYNGYAGGIDVQVIMAGNAFTAGKIIFAAVPPHFPVENISPPQITMFPHIIVDVRTLEPINIPVPD
VRNNFFHYNQDRDSRMRLVAMLYTPLRSNGSTDDVFTVSCRVLTKPSADFEFNYLVPPTVESRTKPFSIPILTIGEMTNS
RFPLPIDMLYTSPTENLVVQPQNGRCTTEGELLGTTQLVTPSICSLRGAITGHEGNDDDHKWHMTVTSPNGAAFDPTEDV
PAPLGTPDFTGDIYGVLSQRDRNINPGQTAPANRAHEAVVSTRSNKFTPKLGSVMIATWETTDVLQQPTKFTPVGLESPN
HYNQWQLPNYSGALTLNMGLAPSVFPTYPGEQILFFRSFIPLKGGYGNSAIDCLVPQEWIQHFYQESAPSQTDVALIRYV
NPETGRVLFEAKLHRQGFITVAKTGDSPINVPANGYFRFDSWVNPFYSLAPMGTGNGRRRNQ
;
_entity_poly.pdbx_strand_id   A,B
#
loop_
_chem_comp.id
_chem_comp.type
_chem_comp.name
_chem_comp.formula
EDO non-polymer 1,2-ETHANEDIOL 'C2 H6 O2'
#
# COMPACT_ATOMS: atom_id res chain seq x y z
N THR A 224 -26.08 16.29 13.23
CA THR A 224 -24.71 16.73 13.01
C THR A 224 -23.76 15.61 13.42
N LYS A 225 -23.39 14.76 12.45
CA LYS A 225 -22.47 13.66 12.73
C LYS A 225 -21.16 14.23 13.27
N PRO A 226 -20.66 13.73 14.40
CA PRO A 226 -19.40 14.26 14.94
C PRO A 226 -18.20 13.91 14.07
N PHE A 227 -17.30 14.88 13.93
CA PHE A 227 -16.03 14.66 13.25
C PHE A 227 -15.12 13.76 14.08
N SER A 228 -14.27 12.97 13.40
CA SER A 228 -13.35 12.11 14.12
C SER A 228 -12.17 11.78 13.22
N ILE A 229 -11.06 11.43 13.85
CA ILE A 229 -9.80 11.08 13.22
C ILE A 229 -9.46 9.65 13.61
N PRO A 230 -8.78 8.88 12.75
CA PRO A 230 -8.43 7.50 13.14
C PRO A 230 -7.53 7.46 14.37
N ILE A 231 -7.59 6.33 15.09
CA ILE A 231 -6.74 6.15 16.26
C ILE A 231 -5.50 5.32 15.94
N LEU A 232 -5.28 5.02 14.68
CA LEU A 232 -4.04 4.37 14.26
C LEU A 232 -2.85 5.25 14.58
N THR A 233 -1.75 4.62 15.01
CA THR A 233 -0.54 5.37 15.27
C THR A 233 0.20 5.65 13.97
N ILE A 234 1.17 6.57 14.07
CA ILE A 234 2.11 6.83 12.99
C ILE A 234 2.66 5.53 12.42
N GLY A 235 3.06 4.62 13.30
CA GLY A 235 3.65 3.37 12.92
C GLY A 235 2.68 2.37 12.32
N GLU A 236 1.40 2.72 12.23
CA GLU A 236 0.39 1.86 11.65
C GLU A 236 -0.20 2.43 10.36
N MET A 237 0.34 3.53 9.83
CA MET A 237 -0.28 4.21 8.70
C MET A 237 0.68 4.34 7.52
N THR A 238 0.16 4.85 6.42
CA THR A 238 0.83 4.84 5.13
C THR A 238 0.84 6.26 4.57
N ASN A 239 1.96 6.62 3.97
CA ASN A 239 2.06 7.89 3.27
C ASN A 239 1.03 7.98 2.14
N SER A 240 0.44 9.14 1.95
CA SER A 240 -0.59 9.32 0.91
C SER A 240 -0.04 9.82 -0.42
N ARG A 241 1.27 10.07 -0.52
CA ARG A 241 1.86 10.57 -1.75
C ARG A 241 2.82 9.58 -2.37
N PHE A 242 3.09 8.45 -1.70
CA PHE A 242 3.91 7.33 -2.19
C PHE A 242 3.63 6.15 -1.30
N PRO A 243 3.59 4.95 -1.80
CA PRO A 243 3.15 3.82 -0.94
C PRO A 243 4.28 3.37 -0.01
N LEU A 244 4.42 4.08 1.11
CA LEU A 244 5.48 3.86 2.07
C LEU A 244 4.96 3.97 3.48
N PRO A 245 5.59 3.28 4.43
CA PRO A 245 5.28 3.52 5.84
C PRO A 245 5.66 4.95 6.22
N ILE A 246 4.97 5.46 7.21
CA ILE A 246 5.30 6.76 7.78
C ILE A 246 6.37 6.56 8.85
N ASP A 247 7.50 7.24 8.70
CA ASP A 247 8.63 7.09 9.60
C ASP A 247 8.62 8.11 10.75
N MET A 248 8.16 9.34 10.53
CA MET A 248 8.20 10.34 11.60
C MET A 248 7.25 11.47 11.26
N LEU A 249 6.89 12.27 12.28
CA LEU A 249 6.33 13.58 12.02
C LEU A 249 7.47 14.55 11.75
N TYR A 250 7.22 15.55 10.94
CA TYR A 250 8.26 16.44 10.49
C TYR A 250 7.67 17.82 10.22
N THR A 251 8.36 18.86 10.68
CA THR A 251 7.97 20.20 10.29
C THR A 251 9.17 20.95 9.75
N SER A 252 8.88 22.01 9.04
CA SER A 252 9.91 22.80 8.40
C SER A 252 9.33 24.10 7.88
N PRO A 253 10.10 25.16 7.79
CA PRO A 253 9.61 26.39 7.15
C PRO A 253 9.32 26.15 5.68
N THR A 254 8.25 26.78 5.19
CA THR A 254 7.87 26.68 3.80
C THR A 254 7.56 28.06 3.20
N GLU A 255 8.09 29.13 3.81
CA GLU A 255 7.71 30.48 3.36
C GLU A 255 8.17 30.76 1.93
N ASN A 256 9.20 30.08 1.45
CA ASN A 256 9.75 30.35 0.13
C ASN A 256 9.37 29.27 -0.89
N LEU A 257 8.30 28.51 -0.65
CA LEU A 257 7.87 27.54 -1.64
C LEU A 257 6.35 27.37 -1.58
N VAL A 258 5.81 26.68 -2.58
CA VAL A 258 4.38 26.53 -2.75
C VAL A 258 4.05 25.06 -2.57
N VAL A 259 3.37 24.76 -1.48
CA VAL A 259 3.03 23.41 -1.08
C VAL A 259 1.67 23.12 -1.71
N GLN A 260 1.67 22.39 -2.83
CA GLN A 260 0.44 22.15 -3.60
C GLN A 260 0.38 20.71 -4.11
N PRO A 261 0.61 19.71 -3.25
CA PRO A 261 0.48 18.32 -3.70
C PRO A 261 -0.92 18.01 -4.23
N GLN A 262 -0.98 17.03 -5.10
CA GLN A 262 -2.26 16.63 -5.68
C GLN A 262 -2.72 15.25 -5.23
N ASN A 263 -1.81 14.40 -4.76
CA ASN A 263 -2.18 13.20 -4.03
C ASN A 263 -2.22 13.51 -2.55
N GLY A 264 -2.99 12.73 -1.81
CA GLY A 264 -3.08 12.98 -0.39
C GLY A 264 -3.89 14.20 -0.05
N ARG A 265 -4.90 14.52 -0.89
CA ARG A 265 -5.73 15.70 -0.69
C ARG A 265 -7.18 15.31 -0.44
N CYS A 266 -7.68 15.69 0.73
CA CYS A 266 -9.04 15.39 1.13
C CYS A 266 -9.44 16.47 2.13
N THR A 267 -10.66 17.01 1.98
CA THR A 267 -11.16 17.91 3.01
C THR A 267 -11.57 17.11 4.25
N THR A 268 -11.68 17.82 5.37
CA THR A 268 -12.13 17.14 6.58
C THR A 268 -13.57 16.65 6.45
N GLU A 269 -14.31 17.14 5.46
CA GLU A 269 -15.65 16.65 5.17
C GLU A 269 -15.66 15.49 4.18
N GLY A 270 -14.48 15.02 3.74
CA GLY A 270 -14.44 13.80 2.94
C GLY A 270 -14.44 13.99 1.44
N GLU A 271 -14.13 15.20 0.97
CA GLU A 271 -14.07 15.51 -0.45
C GLU A 271 -12.67 15.28 -0.97
N LEU A 272 -12.52 14.35 -1.91
CA LEU A 272 -11.21 14.15 -2.50
C LEU A 272 -10.90 15.25 -3.50
N LEU A 273 -9.63 15.68 -3.55
CA LEU A 273 -9.19 16.74 -4.43
C LEU A 273 -8.02 16.27 -5.28
N GLY A 274 -7.68 17.11 -6.28
CA GLY A 274 -6.53 16.84 -7.10
C GLY A 274 -6.66 15.52 -7.82
N THR A 275 -5.61 14.71 -7.75
CA THR A 275 -5.60 13.36 -8.28
C THR A 275 -5.76 12.29 -7.21
N THR A 276 -6.34 12.64 -6.08
CA THR A 276 -6.37 11.72 -4.97
C THR A 276 -7.36 10.57 -5.17
N GLN A 277 -6.87 9.37 -4.90
CA GLN A 277 -7.73 8.20 -4.86
C GLN A 277 -7.39 7.39 -3.61
N LEU A 278 -8.17 6.34 -3.39
CA LEU A 278 -8.19 5.67 -2.10
C LEU A 278 -7.34 4.40 -2.04
N VAL A 279 -6.86 3.87 -3.17
CA VAL A 279 -6.12 2.61 -3.16
C VAL A 279 -4.64 2.89 -2.96
N THR A 280 -4.13 2.45 -1.83
CA THR A 280 -2.74 2.73 -1.47
C THR A 280 -1.71 2.30 -2.50
N PRO A 281 -1.70 1.06 -2.99
CA PRO A 281 -0.67 0.68 -3.98
C PRO A 281 -0.84 1.33 -5.34
N SER A 282 -1.94 2.05 -5.57
CA SER A 282 -2.11 2.76 -6.82
C SER A 282 -1.55 4.19 -6.76
N ILE A 283 -1.06 4.65 -5.60
CA ILE A 283 -0.43 5.97 -5.50
C ILE A 283 0.89 5.95 -6.27
N CYS A 284 1.02 6.85 -7.24
CA CYS A 284 2.18 6.92 -8.14
C CYS A 284 2.31 5.68 -9.01
N SER A 285 1.23 4.90 -9.13
CA SER A 285 1.17 3.82 -10.10
C SER A 285 0.62 4.33 -11.42
N LEU A 286 0.93 3.61 -12.50
CA LEU A 286 0.34 3.84 -13.82
C LEU A 286 -0.08 2.50 -14.42
N ARG A 287 -1.16 2.54 -15.22
CA ARG A 287 -1.76 1.36 -15.85
C ARG A 287 -2.12 1.73 -17.28
N GLY A 288 -1.91 0.81 -18.22
CA GLY A 288 -2.36 1.02 -19.58
C GLY A 288 -1.74 0.00 -20.51
N ALA A 289 -1.15 0.48 -21.59
CA ALA A 289 -0.46 -0.43 -22.51
C ALA A 289 0.67 0.32 -23.21
N ILE A 290 1.73 -0.40 -23.53
CA ILE A 290 2.78 0.14 -24.38
C ILE A 290 2.31 0.02 -25.83
N THR A 291 2.49 1.11 -26.60
CA THR A 291 2.05 1.13 -28.00
C THR A 291 3.22 1.18 -28.96
N GLY A 292 4.43 1.29 -28.46
CA GLY A 292 5.61 1.40 -29.30
C GLY A 292 6.71 2.13 -28.52
N HIS A 293 7.76 2.52 -29.24
CA HIS A 293 8.77 3.39 -28.67
C HIS A 293 8.25 4.82 -28.60
N GLU A 294 8.82 5.59 -27.68
CA GLU A 294 8.56 7.03 -27.62
C GLU A 294 9.58 7.70 -28.55
N GLY A 295 9.11 8.18 -29.68
CA GLY A 295 10.02 8.70 -30.68
C GLY A 295 10.73 7.59 -31.45
N ASN A 296 11.83 7.99 -32.12
CA ASN A 296 12.59 7.07 -32.97
C ASN A 296 14.03 6.88 -32.52
N ASP A 297 14.55 7.75 -31.66
CA ASP A 297 15.99 7.88 -31.48
C ASP A 297 16.51 7.34 -30.15
N ASP A 298 15.74 6.47 -29.46
CA ASP A 298 16.21 5.92 -28.19
C ASP A 298 15.47 4.61 -27.92
N ASP A 299 16.19 3.51 -28.01
CA ASP A 299 15.58 2.18 -27.86
C ASP A 299 15.25 1.84 -26.42
N HIS A 300 15.61 2.70 -25.47
CA HIS A 300 15.27 2.49 -24.07
C HIS A 300 13.96 3.15 -23.66
N LYS A 301 13.30 3.87 -24.57
CA LYS A 301 12.17 4.74 -24.24
C LYS A 301 10.89 4.22 -24.88
N TRP A 302 9.85 4.03 -24.05
CA TRP A 302 8.59 3.45 -24.52
C TRP A 302 7.43 4.42 -24.32
N HIS A 303 6.49 4.39 -25.26
CA HIS A 303 5.24 5.16 -25.19
C HIS A 303 4.18 4.33 -24.48
N MET A 304 3.78 4.77 -23.28
CA MET A 304 2.77 4.10 -22.49
C MET A 304 1.49 4.92 -22.54
N THR A 305 0.46 4.39 -23.18
CA THR A 305 -0.85 5.00 -23.14
C THR A 305 -1.48 4.60 -21.81
N VAL A 306 -2.01 5.57 -21.05
CA VAL A 306 -2.46 5.30 -19.70
C VAL A 306 -3.99 5.37 -19.64
N THR A 307 -4.55 4.53 -18.77
CA THR A 307 -5.96 4.54 -18.43
C THR A 307 -6.14 5.01 -17.00
N SER A 308 -7.39 5.13 -16.59
CA SER A 308 -7.65 5.31 -15.19
C SER A 308 -7.31 4.02 -14.43
N PRO A 309 -7.10 4.12 -13.12
CA PRO A 309 -6.77 2.91 -12.33
C PRO A 309 -7.76 1.78 -12.50
N ASN A 310 -9.03 2.07 -12.79
CA ASN A 310 -10.01 0.99 -12.93
C ASN A 310 -9.94 0.31 -14.28
N GLY A 311 -9.05 0.76 -15.16
CA GLY A 311 -8.91 0.20 -16.47
C GLY A 311 -9.69 0.93 -17.54
N ALA A 312 -10.57 1.86 -17.16
CA ALA A 312 -11.40 2.59 -18.10
C ALA A 312 -10.66 3.78 -18.70
N ALA A 313 -11.11 4.18 -19.89
CA ALA A 313 -10.52 5.32 -20.58
C ALA A 313 -10.54 6.58 -19.71
N PHE A 314 -9.45 7.32 -19.78
CA PHE A 314 -9.36 8.62 -19.13
C PHE A 314 -9.77 9.69 -20.13
N ASP A 315 -10.58 10.64 -19.67
CA ASP A 315 -11.02 11.75 -20.50
C ASP A 315 -10.14 12.97 -20.25
N PRO A 316 -9.31 13.37 -21.22
CA PRO A 316 -8.41 14.51 -21.00
C PRO A 316 -9.12 15.81 -20.66
N THR A 317 -10.43 15.93 -20.95
CA THR A 317 -11.17 17.14 -20.66
C THR A 317 -11.83 17.12 -19.30
N GLU A 318 -11.75 16.00 -18.58
CA GLU A 318 -12.22 15.94 -17.20
C GLU A 318 -11.52 17.00 -16.36
N ASP A 319 -12.27 17.60 -15.44
CA ASP A 319 -11.79 18.71 -14.61
C ASP A 319 -10.90 18.21 -13.48
N VAL A 320 -9.85 17.47 -13.85
CA VAL A 320 -8.87 16.94 -12.90
C VAL A 320 -7.50 17.20 -13.52
N PRO A 321 -6.44 17.21 -12.70
CA PRO A 321 -5.10 17.48 -13.24
C PRO A 321 -4.56 16.39 -14.16
N ALA A 322 -4.93 15.14 -13.94
CA ALA A 322 -4.34 13.97 -14.58
C ALA A 322 -5.10 12.76 -14.08
N PRO A 323 -4.85 11.55 -14.57
CA PRO A 323 -5.57 10.39 -14.02
C PRO A 323 -5.31 10.22 -12.52
N LEU A 324 -6.29 9.66 -11.82
CA LEU A 324 -6.15 9.45 -10.38
C LEU A 324 -4.87 8.69 -10.07
N GLY A 325 -4.15 9.18 -9.07
CA GLY A 325 -2.95 8.57 -8.55
C GLY A 325 -1.69 8.88 -9.32
N THR A 326 -1.80 9.61 -10.43
CA THR A 326 -0.62 10.08 -11.15
C THR A 326 0.38 10.74 -10.20
N PRO A 327 1.70 10.51 -10.37
CA PRO A 327 2.66 11.21 -9.51
C PRO A 327 2.46 12.73 -9.53
N ASP A 328 2.65 13.37 -8.36
CA ASP A 328 2.43 14.81 -8.22
C ASP A 328 3.70 15.57 -7.90
N PHE A 329 4.85 15.06 -8.30
CA PHE A 329 6.10 15.76 -8.05
C PHE A 329 7.06 15.57 -9.20
N THR A 330 8.13 16.36 -9.16
CA THR A 330 9.17 16.31 -10.18
C THR A 330 10.29 15.37 -9.74
N GLY A 331 10.60 14.40 -10.59
CA GLY A 331 11.65 13.45 -10.23
C GLY A 331 11.64 12.25 -11.16
N ASP A 332 12.64 11.42 -11.00
CA ASP A 332 12.82 10.24 -11.84
C ASP A 332 12.38 9.08 -10.97
N ILE A 333 11.16 8.63 -11.17
CA ILE A 333 10.55 7.63 -10.32
C ILE A 333 10.96 6.24 -10.78
N TYR A 334 11.52 5.46 -9.87
CA TYR A 334 12.02 4.12 -10.12
C TYR A 334 10.99 3.09 -9.68
N GLY A 335 10.85 2.04 -10.47
CA GLY A 335 9.94 0.97 -10.12
C GLY A 335 10.02 -0.14 -11.13
N VAL A 336 8.93 -0.88 -11.33
CA VAL A 336 8.93 -2.06 -12.20
C VAL A 336 7.83 -1.91 -13.25
N LEU A 337 8.20 -2.13 -14.50
CA LEU A 337 7.26 -2.24 -15.61
C LEU A 337 6.93 -3.72 -15.77
N SER A 338 5.67 -4.09 -15.56
CA SER A 338 5.26 -5.48 -15.79
C SER A 338 4.17 -5.56 -16.86
N GLN A 339 4.13 -6.70 -17.54
CA GLN A 339 3.20 -6.94 -18.64
C GLN A 339 2.62 -8.33 -18.54
N ARG A 340 1.33 -8.42 -18.81
CA ARG A 340 0.64 -9.68 -18.98
C ARG A 340 -0.09 -9.61 -20.31
N ASP A 341 0.25 -10.48 -21.24
CA ASP A 341 -0.28 -10.37 -22.58
C ASP A 341 -1.79 -10.49 -22.61
N ARG A 342 -2.41 -9.80 -23.57
CA ARG A 342 -3.86 -9.85 -23.69
C ARG A 342 -4.32 -11.11 -24.40
N ASN A 343 -3.40 -11.83 -25.02
CA ASN A 343 -3.72 -12.96 -25.86
C ASN A 343 -2.89 -14.15 -25.43
N ILE A 344 -3.47 -15.35 -25.57
CA ILE A 344 -2.78 -16.61 -25.31
C ILE A 344 -2.20 -17.12 -26.63
N ASN A 345 -0.93 -17.48 -26.62
CA ASN A 345 -0.25 -17.91 -27.84
C ASN A 345 -0.64 -19.34 -28.20
N PRO A 346 -0.41 -19.75 -29.46
CA PRO A 346 -0.71 -21.13 -29.84
C PRO A 346 0.20 -22.08 -29.07
N GLY A 347 -0.40 -23.15 -28.57
CA GLY A 347 0.32 -24.12 -27.77
C GLY A 347 0.42 -23.78 -26.29
N GLN A 348 -0.18 -22.66 -25.87
CA GLN A 348 -0.21 -22.25 -24.48
C GLN A 348 -1.65 -22.23 -23.99
N THR A 349 -1.80 -22.29 -22.66
CA THR A 349 -3.08 -22.09 -21.99
C THR A 349 -3.17 -20.78 -21.24
N ALA A 350 -2.06 -20.09 -21.05
CA ALA A 350 -2.06 -18.86 -20.26
C ALA A 350 -1.22 -17.81 -20.95
N PRO A 351 -1.48 -16.54 -20.67
CA PRO A 351 -0.69 -15.48 -21.28
C PRO A 351 0.73 -15.42 -20.75
N ALA A 352 1.62 -14.96 -21.62
CA ALA A 352 3.01 -14.71 -21.25
C ALA A 352 3.09 -13.43 -20.41
N ASN A 353 4.15 -13.38 -19.61
CA ASN A 353 4.43 -12.24 -18.75
C ASN A 353 5.89 -11.81 -18.90
N ARG A 354 6.15 -10.54 -18.60
CA ARG A 354 7.51 -10.05 -18.41
C ARG A 354 7.48 -8.80 -17.55
N ALA A 355 8.57 -8.56 -16.82
CA ALA A 355 8.76 -7.38 -15.99
C ALA A 355 10.22 -6.95 -16.05
N HIS A 356 10.43 -5.65 -15.92
CA HIS A 356 11.76 -5.05 -15.95
C HIS A 356 11.79 -3.82 -15.04
N GLU A 357 12.94 -3.56 -14.44
CA GLU A 357 13.07 -2.28 -13.77
C GLU A 357 12.97 -1.13 -14.78
N ALA A 358 12.40 -0.02 -14.32
CA ALA A 358 12.01 1.04 -15.23
C ALA A 358 11.97 2.35 -14.47
N VAL A 359 11.93 3.44 -15.24
CA VAL A 359 11.91 4.80 -14.68
C VAL A 359 10.86 5.62 -15.39
N VAL A 360 10.04 6.31 -14.61
CA VAL A 360 9.10 7.28 -15.17
C VAL A 360 9.62 8.64 -14.74
N SER A 361 10.20 9.37 -15.68
CA SER A 361 10.72 10.71 -15.42
C SER A 361 9.59 11.73 -15.56
N THR A 362 9.14 12.29 -14.45
CA THR A 362 8.02 13.22 -14.55
C THR A 362 8.44 14.59 -15.08
N ARG A 363 9.75 14.84 -15.24
CA ARG A 363 10.20 16.09 -15.84
C ARG A 363 10.37 15.99 -17.35
N SER A 364 10.19 14.81 -17.95
CA SER A 364 10.27 14.66 -19.39
C SER A 364 9.17 15.44 -20.08
N ASN A 365 9.48 15.95 -21.27
CA ASN A 365 8.42 16.61 -22.04
C ASN A 365 7.41 15.61 -22.59
N LYS A 366 7.71 14.30 -22.51
CA LYS A 366 6.74 13.28 -22.88
C LYS A 366 6.03 12.69 -21.67
N PHE A 367 6.20 13.29 -20.49
CA PHE A 367 5.31 13.02 -19.36
C PHE A 367 4.04 13.82 -19.59
N THR A 368 2.99 13.19 -20.14
CA THR A 368 1.78 13.91 -20.50
C THR A 368 0.56 13.09 -20.10
N PRO A 369 0.43 12.77 -18.80
CA PRO A 369 -0.67 11.88 -18.37
C PRO A 369 -2.04 12.48 -18.57
N LYS A 370 -2.13 13.82 -18.46
CA LYS A 370 -3.39 14.53 -18.72
C LYS A 370 -3.82 14.35 -20.17
N LEU A 371 -2.89 14.10 -21.08
CA LEU A 371 -3.23 13.79 -22.47
C LEU A 371 -3.33 12.29 -22.73
N GLY A 372 -3.13 11.48 -21.70
CA GLY A 372 -3.27 10.05 -21.85
C GLY A 372 -2.00 9.27 -22.14
N SER A 373 -0.82 9.84 -21.97
CA SER A 373 0.35 9.01 -22.16
C SER A 373 1.54 9.49 -21.31
N VAL A 374 2.44 8.56 -21.01
CA VAL A 374 3.73 8.90 -20.40
C VAL A 374 4.82 8.12 -21.13
N MET A 375 6.05 8.66 -21.09
CA MET A 375 7.19 7.90 -21.58
C MET A 375 7.80 7.14 -20.41
N ILE A 376 8.02 5.84 -20.58
CA ILE A 376 8.62 5.00 -19.55
C ILE A 376 9.88 4.40 -20.12
N ALA A 377 10.96 4.47 -19.34
CA ALA A 377 12.28 4.07 -19.79
C ALA A 377 12.74 2.80 -19.10
N THR A 378 13.48 1.98 -19.83
CA THR A 378 14.07 0.77 -19.30
C THR A 378 15.58 0.77 -19.57
N TRP A 379 16.31 0.02 -18.75
CA TRP A 379 17.68 -0.34 -19.09
C TRP A 379 17.69 -1.46 -20.14
N GLU A 380 16.74 -2.38 -20.02
CA GLU A 380 16.44 -3.34 -21.09
C GLU A 380 15.99 -2.59 -22.33
N THR A 381 16.29 -3.16 -23.49
CA THR A 381 16.14 -2.40 -24.71
C THR A 381 15.34 -3.16 -25.77
N THR A 382 14.83 -4.36 -25.46
CA THR A 382 14.08 -5.09 -26.48
C THR A 382 12.86 -5.85 -25.97
N ASP A 383 12.93 -6.44 -24.79
CA ASP A 383 11.87 -7.36 -24.33
C ASP A 383 10.72 -6.60 -23.65
N VAL A 384 10.17 -5.61 -24.36
CA VAL A 384 8.98 -4.87 -23.93
C VAL A 384 8.02 -4.89 -25.10
N LEU A 385 6.83 -5.41 -24.89
CA LEU A 385 5.92 -5.64 -26.00
C LEU A 385 4.78 -4.63 -25.99
N GLN A 386 4.03 -4.62 -27.08
CA GLN A 386 2.82 -3.78 -27.22
C GLN A 386 1.68 -4.57 -26.56
N GLN A 387 1.70 -4.56 -25.23
CA GLN A 387 0.83 -5.35 -24.37
C GLN A 387 0.38 -4.56 -23.15
N PRO A 388 -0.64 -5.04 -22.46
CA PRO A 388 -1.06 -4.37 -21.20
C PRO A 388 0.09 -4.27 -20.21
N THR A 389 0.21 -3.10 -19.57
CA THR A 389 1.40 -2.72 -18.82
C THR A 389 0.99 -2.02 -17.55
N LYS A 390 1.69 -2.35 -16.46
CA LYS A 390 1.55 -1.68 -15.17
C LYS A 390 2.91 -1.19 -14.74
N PHE A 391 2.94 -0.03 -14.09
CA PHE A 391 4.14 0.49 -13.45
C PHE A 391 3.92 0.46 -11.94
N THR A 392 4.74 -0.30 -11.23
CA THR A 392 4.70 -0.36 -9.76
C THR A 392 5.79 0.54 -9.23
N PRO A 393 5.48 1.61 -8.48
CA PRO A 393 6.53 2.49 -7.95
C PRO A 393 7.27 1.87 -6.76
N VAL A 394 8.59 2.07 -6.73
CA VAL A 394 9.42 1.62 -5.61
C VAL A 394 10.12 2.78 -4.91
N GLY A 395 10.65 3.72 -5.69
CA GLY A 395 11.37 4.84 -5.12
C GLY A 395 11.79 5.80 -6.20
N LEU A 396 12.99 6.38 -6.09
CA LEU A 396 13.52 7.30 -7.07
C LEU A 396 14.78 6.72 -7.68
N GLU A 397 15.07 7.11 -8.93
CA GLU A 397 16.28 6.60 -9.57
C GLU A 397 17.52 7.21 -8.92
N SER A 398 17.42 8.45 -8.48
CA SER A 398 18.47 9.18 -7.80
C SER A 398 17.87 10.44 -7.20
N PRO A 399 18.62 11.17 -6.36
CA PRO A 399 18.10 12.44 -5.83
C PRO A 399 18.24 13.59 -6.81
N ASN A 400 18.89 13.38 -7.96
CA ASN A 400 19.05 14.46 -8.92
C ASN A 400 17.68 14.87 -9.47
N HIS A 401 17.44 16.16 -9.48
CA HIS A 401 16.24 16.76 -10.05
C HIS A 401 14.99 16.43 -9.27
N TYR A 402 15.11 15.85 -8.08
CA TYR A 402 13.96 15.57 -7.23
C TYR A 402 13.55 16.82 -6.48
N ASN A 403 12.33 17.27 -6.71
CA ASN A 403 11.73 18.37 -5.97
C ASN A 403 10.29 17.97 -5.67
N GLN A 404 10.02 17.58 -4.42
CA GLN A 404 8.72 17.02 -4.11
C GLN A 404 7.60 18.05 -4.16
N TRP A 405 7.91 19.35 -4.14
CA TRP A 405 6.88 20.39 -4.17
C TRP A 405 6.72 21.04 -5.54
N GLN A 406 7.53 20.66 -6.54
CA GLN A 406 7.36 21.12 -7.91
C GLN A 406 6.44 20.14 -8.65
N LEU A 407 5.23 20.60 -8.96
CA LEU A 407 4.33 19.79 -9.74
C LEU A 407 4.92 19.55 -11.11
N PRO A 408 4.76 18.36 -11.65
CA PRO A 408 5.10 18.12 -13.05
C PRO A 408 4.14 18.85 -13.96
N ASN A 409 4.52 18.95 -15.22
CA ASN A 409 3.64 19.43 -16.27
C ASN A 409 2.78 18.27 -16.77
N TYR A 410 1.57 18.14 -16.25
CA TYR A 410 0.72 17.01 -16.62
C TYR A 410 0.40 16.95 -18.12
N SER A 411 0.44 18.08 -18.85
CA SER A 411 0.13 18.12 -20.27
C SER A 411 1.36 18.42 -21.12
N GLY A 412 2.54 18.34 -20.53
CA GLY A 412 3.74 18.54 -21.31
C GLY A 412 4.16 20.00 -21.41
N ALA A 413 5.03 20.25 -22.37
CA ALA A 413 5.77 21.51 -22.38
C ALA A 413 4.88 22.68 -22.78
N LEU A 414 5.07 23.81 -22.10
CA LEU A 414 4.43 25.07 -22.43
C LEU A 414 2.92 25.04 -22.22
N THR A 415 2.39 23.98 -21.61
CA THR A 415 0.99 23.87 -21.24
C THR A 415 0.89 23.88 -19.73
N LEU A 416 0.02 24.72 -19.17
CA LEU A 416 -0.05 24.80 -17.72
C LEU A 416 -1.03 23.75 -17.18
N ASN A 417 -0.85 23.43 -15.90
CA ASN A 417 -1.74 22.47 -15.24
C ASN A 417 -3.09 23.11 -14.95
N MET A 418 -4.10 22.24 -14.80
CA MET A 418 -5.46 22.65 -14.48
C MET A 418 -6.08 21.69 -13.46
N GLY A 419 -7.24 22.08 -12.93
CA GLY A 419 -7.96 21.23 -12.01
C GLY A 419 -7.28 21.00 -10.68
N LEU A 420 -6.42 21.93 -10.24
CA LEU A 420 -5.51 21.66 -9.14
C LEU A 420 -6.17 21.81 -7.78
N ALA A 421 -5.84 20.92 -6.85
CA ALA A 421 -6.15 21.18 -5.47
C ALA A 421 -5.36 22.43 -5.05
N PRO A 422 -5.91 23.29 -4.19
CA PRO A 422 -5.24 24.57 -3.94
C PRO A 422 -3.97 24.42 -3.10
N SER A 423 -3.14 25.46 -3.15
CA SER A 423 -1.95 25.41 -2.30
C SER A 423 -2.37 25.57 -0.83
N VAL A 424 -1.51 25.11 0.07
CA VAL A 424 -1.80 25.21 1.49
C VAL A 424 -0.63 25.94 2.14
N PHE A 425 -0.95 26.73 3.18
CA PHE A 425 0.09 27.45 3.90
C PHE A 425 -0.47 27.93 5.23
N PRO A 426 0.36 28.07 6.25
CA PRO A 426 -0.11 28.67 7.50
C PRO A 426 -0.23 30.18 7.38
N THR A 427 -1.08 30.76 8.23
CA THR A 427 -1.27 32.20 8.24
C THR A 427 -1.04 32.79 9.63
N TYR A 428 -1.27 32.01 10.67
CA TYR A 428 -1.07 32.50 12.03
C TYR A 428 0.43 32.67 12.29
N PRO A 429 0.85 33.78 12.90
CA PRO A 429 2.28 34.06 13.02
C PRO A 429 2.97 32.98 13.85
N GLY A 430 4.11 32.48 13.36
CA GLY A 430 4.81 31.44 14.10
C GLY A 430 4.33 30.01 13.92
N GLU A 431 3.36 29.78 13.04
CA GLU A 431 2.93 28.43 12.73
C GLU A 431 3.61 27.90 11.46
N GLN A 432 3.78 26.59 11.46
CA GLN A 432 4.29 25.84 10.31
C GLN A 432 3.39 24.66 10.01
N ILE A 433 3.51 24.15 8.78
CA ILE A 433 2.83 22.91 8.43
C ILE A 433 3.52 21.75 9.12
N LEU A 434 2.73 20.83 9.66
CA LEU A 434 3.18 19.53 10.13
C LEU A 434 2.97 18.47 9.05
N PHE A 435 4.02 17.76 8.71
CA PHE A 435 3.99 16.74 7.67
C PHE A 435 4.15 15.35 8.26
N PHE A 436 3.74 14.34 7.49
CA PHE A 436 3.96 12.93 7.80
C PHE A 436 5.02 12.48 6.80
N ARG A 437 6.20 12.11 7.28
CA ARG A 437 7.38 11.97 6.46
C ARG A 437 7.77 10.50 6.34
N SER A 438 8.10 10.09 5.11
CA SER A 438 8.56 8.76 4.79
C SER A 438 9.86 8.86 4.02
N PHE A 439 10.81 8.01 4.37
CA PHE A 439 12.03 7.92 3.58
C PHE A 439 11.75 7.11 2.34
N ILE A 440 12.26 7.57 1.21
CA ILE A 440 11.92 6.99 -0.09
C ILE A 440 13.18 6.33 -0.64
N PRO A 441 13.11 5.07 -1.07
CA PRO A 441 14.32 4.40 -1.56
C PRO A 441 14.93 5.12 -2.75
N LEU A 442 16.25 4.97 -2.88
CA LEU A 442 16.99 5.48 -4.03
C LEU A 442 17.73 4.34 -4.72
N LYS A 443 17.66 4.32 -6.06
CA LYS A 443 18.37 3.32 -6.86
C LYS A 443 19.86 3.61 -6.89
N GLY A 444 20.24 4.85 -6.73
CA GLY A 444 21.64 5.20 -6.60
C GLY A 444 21.76 6.63 -6.14
N GLY A 445 22.99 7.05 -5.88
CA GLY A 445 23.27 8.41 -5.49
C GLY A 445 23.40 8.57 -4.00
N TYR A 446 23.79 9.78 -3.60
CA TYR A 446 23.98 10.11 -2.20
C TYR A 446 22.79 10.92 -1.72
N GLY A 447 22.16 10.46 -0.66
CA GLY A 447 21.07 11.21 -0.11
C GLY A 447 20.26 10.46 0.93
N ASN A 448 19.52 11.20 1.74
CA ASN A 448 18.57 10.58 2.66
C ASN A 448 17.16 11.08 2.27
N SER A 449 16.83 10.87 1.01
CA SER A 449 15.61 11.41 0.43
C SER A 449 14.37 10.95 1.17
N ALA A 450 13.41 11.85 1.28
CA ALA A 450 12.13 11.61 1.92
C ALA A 450 11.04 12.24 1.08
N ILE A 451 9.80 11.82 1.33
CA ILE A 451 8.61 12.46 0.76
C ILE A 451 7.62 12.71 1.87
N ASP A 452 7.02 13.90 1.88
CA ASP A 452 6.12 14.34 2.95
C ASP A 452 4.68 14.42 2.47
N CYS A 453 3.72 13.93 3.26
CA CYS A 453 2.32 14.10 2.93
C CYS A 453 1.61 14.90 4.01
N LEU A 454 0.45 15.43 3.65
CA LEU A 454 -0.28 16.33 4.54
C LEU A 454 -1.11 15.56 5.56
N VAL A 455 -1.77 14.48 5.13
CA VAL A 455 -2.41 13.54 6.05
C VAL A 455 -2.14 12.15 5.57
N PRO A 456 -2.13 11.16 6.48
CA PRO A 456 -1.95 9.76 6.04
C PRO A 456 -3.09 9.25 5.19
N GLN A 457 -2.79 8.24 4.38
CA GLN A 457 -3.81 7.65 3.51
C GLN A 457 -5.00 7.16 4.31
N GLU A 458 -4.76 6.61 5.51
CA GLU A 458 -5.86 6.13 6.34
C GLU A 458 -6.81 7.25 6.78
N TRP A 459 -6.28 8.46 6.98
CA TRP A 459 -7.17 9.58 7.32
C TRP A 459 -8.04 9.95 6.14
N ILE A 460 -7.50 9.89 4.93
CA ILE A 460 -8.30 10.14 3.74
C ILE A 460 -9.41 9.11 3.65
N GLN A 461 -9.09 7.84 3.86
CA GLN A 461 -10.12 6.82 3.77
C GLN A 461 -11.19 7.03 4.83
N HIS A 462 -10.78 7.49 6.02
CA HIS A 462 -11.73 7.73 7.10
C HIS A 462 -12.65 8.93 6.79
N PHE A 463 -12.07 10.10 6.45
CA PHE A 463 -12.94 11.25 6.19
C PHE A 463 -13.89 10.98 5.02
N TYR A 464 -13.39 10.33 3.97
CA TYR A 464 -14.23 10.03 2.81
C TYR A 464 -15.46 9.22 3.21
N GLN A 465 -15.28 8.25 4.12
CA GLN A 465 -16.43 7.47 4.56
C GLN A 465 -17.32 8.24 5.51
N GLU A 466 -16.72 8.99 6.45
CA GLU A 466 -17.54 9.63 7.50
C GLU A 466 -18.35 10.80 6.96
N SER A 467 -17.75 11.62 6.09
CA SER A 467 -18.41 12.79 5.53
C SER A 467 -19.04 13.65 6.63
N ALA A 468 -18.31 13.85 7.73
CA ALA A 468 -18.86 14.63 8.85
C ALA A 468 -18.79 16.12 8.52
N PRO A 469 -19.85 16.88 8.74
CA PRO A 469 -19.78 18.33 8.49
C PRO A 469 -18.74 19.01 9.37
N SER A 470 -18.06 20.00 8.82
CA SER A 470 -17.12 20.80 9.60
C SER A 470 -17.85 22.05 10.13
N GLN A 471 -17.77 22.29 11.44
CA GLN A 471 -18.55 23.37 12.04
C GLN A 471 -17.85 24.72 11.94
N THR A 472 -16.52 24.70 11.91
CA THR A 472 -15.72 25.86 11.57
C THR A 472 -14.71 25.39 10.54
N ASP A 473 -13.79 26.25 10.17
CA ASP A 473 -12.74 25.88 9.22
C ASP A 473 -11.50 25.30 9.90
N VAL A 474 -11.50 25.20 11.23
CA VAL A 474 -10.31 24.75 11.96
C VAL A 474 -10.70 23.77 13.07
N ALA A 475 -10.13 22.56 13.03
CA ALA A 475 -10.30 21.57 14.09
C ALA A 475 -9.09 21.63 15.02
N LEU A 476 -9.36 21.85 16.29
CA LEU A 476 -8.30 21.72 17.28
C LEU A 476 -8.12 20.23 17.54
N ILE A 477 -6.92 19.73 17.29
CA ILE A 477 -6.60 18.33 17.53
C ILE A 477 -5.42 18.26 18.49
N ARG A 478 -5.37 17.16 19.25
CA ARG A 478 -4.33 16.92 20.25
C ARG A 478 -3.65 15.57 20.00
N TYR A 479 -2.33 15.56 20.08
CA TYR A 479 -1.55 14.33 20.00
C TYR A 479 -1.48 13.74 21.40
N VAL A 480 -1.89 12.49 21.53
CA VAL A 480 -2.14 11.92 22.85
C VAL A 480 -1.44 10.58 22.94
N ASN A 481 -0.93 10.28 24.13
CA ASN A 481 -0.44 8.95 24.45
C ASN A 481 -1.61 8.19 25.04
N PRO A 482 -2.11 7.14 24.39
CA PRO A 482 -3.32 6.48 24.92
C PRO A 482 -3.07 5.71 26.22
N GLU A 483 -1.88 5.14 26.40
CA GLU A 483 -1.56 4.44 27.64
C GLU A 483 -1.63 5.39 28.83
N THR A 484 -0.72 6.37 28.86
CA THR A 484 -0.63 7.31 29.96
C THR A 484 -1.75 8.35 29.97
N GLY A 485 -2.58 8.39 28.93
CA GLY A 485 -3.53 9.47 28.77
C GLY A 485 -2.93 10.85 28.52
N ARG A 486 -1.61 10.96 28.38
CA ARG A 486 -0.99 12.27 28.36
C ARG A 486 -1.14 12.92 26.99
N VAL A 487 -1.60 14.17 26.97
CA VAL A 487 -1.60 14.98 25.76
C VAL A 487 -0.22 15.61 25.61
N LEU A 488 0.37 15.44 24.42
CA LEU A 488 1.77 15.75 24.14
C LEU A 488 1.96 17.08 23.42
N PHE A 489 1.06 17.44 22.52
CA PHE A 489 1.05 18.75 21.90
C PHE A 489 -0.29 18.93 21.20
N GLU A 490 -0.52 20.14 20.71
CA GLU A 490 -1.76 20.43 20.02
C GLU A 490 -1.48 21.06 18.67
N ALA A 491 -2.46 20.97 17.79
CA ALA A 491 -2.30 21.39 16.40
C ALA A 491 -3.66 21.74 15.83
N LYS A 492 -3.66 22.36 14.64
CA LYS A 492 -4.85 22.76 13.92
C LYS A 492 -4.99 21.89 12.68
N LEU A 493 -6.09 21.15 12.58
CA LEU A 493 -6.43 20.45 11.33
C LEU A 493 -7.38 21.36 10.54
N HIS A 494 -6.86 21.94 9.45
CA HIS A 494 -7.65 22.85 8.61
C HIS A 494 -8.63 22.10 7.74
N ARG A 495 -9.82 22.68 7.58
CA ARG A 495 -10.83 22.09 6.71
C ARG A 495 -10.27 21.67 5.36
N GLN A 496 -9.34 22.47 4.81
CA GLN A 496 -8.76 22.12 3.52
C GLN A 496 -7.97 20.82 3.54
N GLY A 497 -7.61 20.29 4.72
CA GLY A 497 -6.95 19.01 4.81
C GLY A 497 -5.46 19.03 5.05
N PHE A 498 -5.01 19.90 5.94
CA PHE A 498 -3.63 19.91 6.35
C PHE A 498 -3.54 20.42 7.78
N ILE A 499 -2.40 20.16 8.41
CA ILE A 499 -2.17 20.44 9.82
C ILE A 499 -1.16 21.57 9.96
N THR A 500 -1.40 22.49 10.90
CA THR A 500 -0.37 23.45 11.30
C THR A 500 -0.13 23.38 12.81
N VAL A 501 1.10 23.73 13.19
CA VAL A 501 1.54 23.72 14.57
C VAL A 501 2.31 25.00 14.88
N ALA A 502 2.34 25.35 16.16
CA ALA A 502 3.11 26.50 16.64
C ALA A 502 4.55 26.03 16.87
N LYS A 503 5.31 26.04 15.78
CA LYS A 503 6.69 25.57 15.79
C LYS A 503 7.44 26.29 14.68
N THR A 504 8.67 26.68 14.98
CA THR A 504 9.57 27.28 14.01
C THR A 504 10.82 26.41 13.87
N GLY A 505 11.31 26.27 12.65
CA GLY A 505 12.52 25.50 12.41
C GLY A 505 12.19 24.10 11.93
N ASP A 506 13.23 23.26 11.90
CA ASP A 506 13.03 21.90 11.42
C ASP A 506 13.57 20.86 12.39
N SER A 507 13.66 21.20 13.67
CA SER A 507 14.23 20.27 14.63
C SER A 507 13.29 19.09 14.84
N PRO A 508 13.84 17.94 15.25
CA PRO A 508 13.03 16.72 15.34
C PRO A 508 11.83 16.86 16.27
N ILE A 509 10.75 16.18 15.88
CA ILE A 509 9.53 16.08 16.68
C ILE A 509 9.60 14.78 17.49
N ASN A 510 9.78 14.92 18.81
CA ASN A 510 9.99 13.76 19.69
C ASN A 510 8.68 13.35 20.35
N VAL A 511 8.08 12.25 19.90
CA VAL A 511 6.79 11.80 20.46
C VAL A 511 6.77 10.29 20.62
N PRO A 512 6.00 9.79 21.59
CA PRO A 512 5.95 8.35 21.84
C PRO A 512 5.33 7.59 20.67
N ALA A 513 5.65 6.30 20.63
CA ALA A 513 5.26 5.45 19.51
C ALA A 513 3.76 5.16 19.52
N ASN A 514 3.13 5.12 20.69
CA ASN A 514 1.73 4.79 20.81
C ASN A 514 0.81 5.98 20.59
N GLY A 515 1.35 7.11 20.10
CA GLY A 515 0.60 8.33 20.01
C GLY A 515 -0.26 8.47 18.77
N TYR A 516 -1.33 9.26 18.90
CA TYR A 516 -2.17 9.57 17.76
C TYR A 516 -2.89 10.89 18.02
N PHE A 517 -3.45 11.44 16.95
CA PHE A 517 -4.23 12.66 17.05
C PHE A 517 -5.68 12.34 17.38
N ARG A 518 -6.23 13.17 18.25
CA ARG A 518 -7.60 13.13 18.69
C ARG A 518 -8.24 14.48 18.41
N PHE A 519 -9.42 14.46 17.80
CA PHE A 519 -10.19 15.68 17.60
C PHE A 519 -10.75 16.14 18.93
N ASP A 520 -10.59 17.42 19.24
CA ASP A 520 -11.16 17.94 20.48
C ASP A 520 -12.26 18.96 20.26
N SER A 521 -12.08 19.98 19.42
CA SER A 521 -13.18 20.90 19.17
C SER A 521 -12.95 21.68 17.88
N TRP A 522 -14.03 22.29 17.37
CA TRP A 522 -13.93 23.23 16.26
C TRP A 522 -13.63 24.61 16.84
N VAL A 523 -12.61 25.28 16.30
CA VAL A 523 -12.17 26.58 16.82
C VAL A 523 -12.13 27.58 15.67
N ASN A 524 -11.79 28.85 16.01
CA ASN A 524 -11.78 29.89 15.00
C ASN A 524 -10.42 30.01 14.35
N PRO A 525 -10.36 30.65 13.18
CA PRO A 525 -9.07 30.76 12.46
C PRO A 525 -7.91 31.24 13.32
N PHE A 526 -8.16 32.05 14.35
CA PHE A 526 -7.08 32.68 15.09
C PHE A 526 -6.76 31.99 16.42
N TYR A 527 -7.15 30.74 16.59
CA TYR A 527 -6.90 30.09 17.88
C TYR A 527 -5.40 30.04 18.12
N SER A 528 -5.01 30.35 19.34
CA SER A 528 -3.59 30.43 19.69
C SER A 528 -3.15 29.09 20.27
N LEU A 529 -2.33 28.35 19.51
CA LEU A 529 -1.83 27.06 19.97
C LEU A 529 -0.72 27.19 21.00
N ALA A 530 -0.67 26.20 21.89
CA ALA A 530 0.49 26.01 22.75
C ALA A 530 1.72 25.76 21.89
N PRO A 531 2.83 26.44 22.15
CA PRO A 531 4.04 26.20 21.33
C PRO A 531 4.58 24.80 21.56
N MET A 532 4.87 24.11 20.46
CA MET A 532 5.49 22.81 20.46
C MET A 532 6.93 22.87 20.95
N THR B 224 -21.92 -1.70 24.88
CA THR B 224 -21.76 -2.69 23.81
C THR B 224 -21.70 -2.02 22.43
N LYS B 225 -20.49 -1.68 22.00
CA LYS B 225 -20.28 -0.92 20.77
C LYS B 225 -20.76 -1.72 19.56
N PRO B 226 -21.62 -1.16 18.71
CA PRO B 226 -22.09 -1.93 17.55
C PRO B 226 -20.97 -2.23 16.57
N PHE B 227 -21.02 -3.45 16.04
CA PHE B 227 -20.09 -3.86 14.99
C PHE B 227 -20.44 -3.18 13.67
N SER B 228 -19.43 -2.95 12.83
CA SER B 228 -19.61 -2.28 11.56
C SER B 228 -18.48 -2.65 10.62
N ILE B 229 -18.77 -2.49 9.33
CA ILE B 229 -17.83 -2.80 8.24
C ILE B 229 -17.59 -1.51 7.47
N PRO B 230 -16.39 -1.25 6.94
CA PRO B 230 -16.22 -0.06 6.09
C PRO B 230 -17.20 -0.03 4.93
N ILE B 231 -17.49 1.18 4.45
CA ILE B 231 -18.34 1.35 3.28
C ILE B 231 -17.54 1.54 1.99
N LEU B 232 -16.24 1.38 2.07
CA LEU B 232 -15.42 1.42 0.86
C LEU B 232 -15.80 0.31 -0.08
N THR B 233 -15.75 0.63 -1.39
CA THR B 233 -16.07 -0.38 -2.39
C THR B 233 -14.85 -1.23 -2.65
N ILE B 234 -15.07 -2.35 -3.37
CA ILE B 234 -13.97 -3.23 -3.72
C ILE B 234 -12.89 -2.46 -4.46
N GLY B 235 -13.29 -1.51 -5.32
CA GLY B 235 -12.36 -0.73 -6.09
C GLY B 235 -11.71 0.38 -5.32
N GLU B 236 -12.00 0.50 -4.02
CA GLU B 236 -11.36 1.46 -3.14
C GLU B 236 -10.49 0.80 -2.06
N MET B 237 -10.29 -0.52 -2.11
CA MET B 237 -9.58 -1.22 -1.04
C MET B 237 -8.38 -2.00 -1.60
N THR B 238 -7.63 -2.59 -0.69
CA THR B 238 -6.34 -3.20 -0.93
C THR B 238 -6.33 -4.63 -0.41
N ASN B 239 -5.69 -5.52 -1.16
CA ASN B 239 -5.45 -6.88 -0.71
C ASN B 239 -4.64 -6.88 0.58
N SER B 240 -4.98 -7.77 1.52
CA SER B 240 -4.27 -7.83 2.80
C SER B 240 -3.14 -8.84 2.80
N ARG B 241 -2.92 -9.54 1.69
CA ARG B 241 -1.85 -10.52 1.62
C ARG B 241 -0.76 -10.14 0.65
N PHE B 242 -0.95 -9.06 -0.10
CA PHE B 242 0.08 -8.52 -0.98
C PHE B 242 -0.37 -7.10 -1.29
N PRO B 243 0.53 -6.15 -1.44
CA PRO B 243 0.07 -4.76 -1.65
C PRO B 243 -0.42 -4.53 -3.09
N LEU B 244 -1.69 -4.86 -3.31
CA LEU B 244 -2.32 -4.83 -4.62
C LEU B 244 -3.74 -4.31 -4.48
N PRO B 245 -4.24 -3.60 -5.50
CA PRO B 245 -5.68 -3.39 -5.61
C PRO B 245 -6.47 -4.70 -5.67
N ILE B 246 -7.71 -4.63 -5.25
CA ILE B 246 -8.61 -5.78 -5.34
C ILE B 246 -9.34 -5.73 -6.67
N ASP B 247 -9.23 -6.78 -7.46
CA ASP B 247 -9.81 -6.81 -8.78
C ASP B 247 -11.20 -7.39 -8.83
N MET B 248 -11.53 -8.34 -7.96
CA MET B 248 -12.83 -8.97 -8.05
C MET B 248 -13.09 -9.73 -6.76
N LEU B 249 -14.37 -10.03 -6.52
CA LEU B 249 -14.76 -11.08 -5.60
C LEU B 249 -14.64 -12.42 -6.29
N TYR B 250 -14.29 -13.46 -5.53
CA TYR B 250 -14.00 -14.76 -6.12
C TYR B 250 -14.32 -15.88 -5.13
N THR B 251 -14.97 -16.93 -5.61
CA THR B 251 -15.16 -18.10 -4.78
C THR B 251 -14.73 -19.33 -5.55
N SER B 252 -14.46 -20.39 -4.81
CA SER B 252 -13.98 -21.66 -5.36
C SER B 252 -14.09 -22.71 -4.28
N PRO B 253 -14.19 -23.98 -4.64
CA PRO B 253 -14.11 -25.05 -3.64
C PRO B 253 -12.71 -25.09 -3.04
N THR B 254 -12.66 -25.45 -1.75
CA THR B 254 -11.40 -25.59 -1.03
C THR B 254 -11.34 -26.92 -0.28
N GLU B 255 -12.24 -27.86 -0.62
CA GLU B 255 -12.31 -29.13 0.09
C GLU B 255 -10.97 -29.86 0.15
N ASN B 256 -10.11 -29.67 -0.85
CA ASN B 256 -8.83 -30.37 -0.91
C ASN B 256 -7.66 -29.53 -0.42
N LEU B 257 -7.91 -28.33 0.10
CA LEU B 257 -6.88 -27.41 0.54
C LEU B 257 -6.98 -27.15 2.03
N VAL B 258 -5.92 -26.60 2.60
CA VAL B 258 -5.95 -26.03 3.94
C VAL B 258 -5.73 -24.54 3.76
N VAL B 259 -6.76 -23.76 4.06
CA VAL B 259 -6.71 -22.31 3.88
C VAL B 259 -6.27 -21.76 5.22
N GLN B 260 -4.98 -21.39 5.32
CA GLN B 260 -4.42 -20.97 6.59
C GLN B 260 -3.46 -19.79 6.42
N PRO B 261 -3.87 -18.73 5.74
CA PRO B 261 -2.97 -17.58 5.58
C PRO B 261 -2.65 -16.93 6.92
N GLN B 262 -1.47 -16.31 7.01
CA GLN B 262 -1.02 -15.64 8.22
C GLN B 262 -1.00 -14.13 8.10
N ASN B 263 -0.96 -13.57 6.89
CA ASN B 263 -1.29 -12.15 6.69
C ASN B 263 -2.78 -12.02 6.39
N GLY B 264 -3.31 -10.84 6.65
CA GLY B 264 -4.72 -10.66 6.40
C GLY B 264 -5.60 -11.34 7.40
N ARG B 265 -5.13 -11.50 8.65
CA ARG B 265 -5.87 -12.24 9.67
C ARG B 265 -6.22 -11.32 10.83
N CYS B 266 -7.52 -11.15 11.05
CA CYS B 266 -8.01 -10.27 12.10
C CYS B 266 -9.38 -10.79 12.52
N THR B 267 -9.63 -10.88 13.82
CA THR B 267 -10.98 -11.24 14.24
C THR B 267 -11.91 -10.04 14.07
N THR B 268 -13.20 -10.33 14.06
CA THR B 268 -14.12 -9.23 13.92
C THR B 268 -14.10 -8.32 15.15
N GLU B 269 -13.45 -8.74 16.24
CA GLU B 269 -13.23 -7.91 17.43
C GLU B 269 -11.93 -7.11 17.36
N GLY B 270 -11.18 -7.20 16.27
CA GLY B 270 -10.00 -6.39 16.13
C GLY B 270 -8.73 -7.03 16.63
N GLU B 271 -8.72 -8.35 16.83
CA GLU B 271 -7.54 -9.06 17.28
C GLU B 271 -6.72 -9.50 16.07
N LEU B 272 -5.51 -8.96 15.95
CA LEU B 272 -4.65 -9.38 14.86
C LEU B 272 -4.07 -10.75 15.18
N LEU B 273 -3.89 -11.55 14.13
CA LEU B 273 -3.42 -12.91 14.27
C LEU B 273 -2.31 -13.15 13.26
N GLY B 274 -1.66 -14.29 13.47
CA GLY B 274 -0.57 -14.69 12.58
C GLY B 274 0.55 -13.68 12.53
N THR B 275 0.93 -13.30 11.31
CA THR B 275 1.93 -12.27 11.05
C THR B 275 1.32 -10.93 10.62
N THR B 276 0.05 -10.72 10.96
CA THR B 276 -0.68 -9.61 10.39
C THR B 276 -0.28 -8.30 11.05
N GLN B 277 -0.01 -7.31 10.22
CA GLN B 277 0.26 -5.95 10.67
C GLN B 277 -0.52 -4.97 9.80
N LEU B 278 -0.49 -3.68 10.17
CA LEU B 278 -1.44 -2.73 9.63
C LEU B 278 -0.92 -1.89 8.47
N VAL B 279 0.40 -1.84 8.24
CA VAL B 279 0.95 -0.98 7.21
C VAL B 279 0.88 -1.69 5.89
N THR B 280 0.14 -1.12 4.96
CA THR B 280 -0.12 -1.79 3.69
C THR B 280 1.14 -2.10 2.89
N PRO B 281 2.07 -1.18 2.66
CA PRO B 281 3.25 -1.54 1.86
C PRO B 281 4.22 -2.43 2.59
N SER B 282 4.01 -2.72 3.85
CA SER B 282 4.85 -3.66 4.58
C SER B 282 4.37 -5.11 4.48
N ILE B 283 3.22 -5.36 3.85
CA ILE B 283 2.76 -6.73 3.61
C ILE B 283 3.68 -7.39 2.61
N CYS B 284 4.27 -8.52 3.01
CA CYS B 284 5.24 -9.26 2.21
C CYS B 284 6.54 -8.50 2.01
N SER B 285 6.81 -7.53 2.85
CA SER B 285 8.10 -6.86 2.84
C SER B 285 9.00 -7.49 3.90
N LEU B 286 10.30 -7.21 3.76
CA LEU B 286 11.30 -7.63 4.71
C LEU B 286 12.23 -6.45 4.92
N ARG B 287 12.70 -6.30 6.15
CA ARG B 287 13.62 -5.24 6.52
C ARG B 287 14.72 -5.85 7.36
N GLY B 288 15.92 -5.28 7.25
CA GLY B 288 17.03 -5.67 8.09
C GLY B 288 18.34 -5.21 7.50
N ALA B 289 19.29 -6.13 7.36
CA ALA B 289 20.58 -5.77 6.80
C ALA B 289 21.21 -6.99 6.17
N ILE B 290 21.96 -6.76 5.09
CA ILE B 290 22.76 -7.83 4.49
C ILE B 290 24.04 -7.99 5.30
N THR B 291 24.40 -9.24 5.60
CA THR B 291 25.62 -9.53 6.36
C THR B 291 26.75 -10.08 5.51
N GLY B 292 26.45 -10.42 4.28
CA GLY B 292 27.42 -11.00 3.37
C GLY B 292 26.69 -11.90 2.39
N HIS B 293 27.47 -12.69 1.65
CA HIS B 293 26.85 -13.70 0.81
C HIS B 293 26.28 -14.84 1.64
N GLU B 294 25.33 -15.55 1.05
CA GLU B 294 24.82 -16.81 1.55
C GLU B 294 25.69 -17.92 0.95
N GLY B 295 26.55 -18.51 1.76
CA GLY B 295 27.50 -19.46 1.20
C GLY B 295 28.60 -18.77 0.40
N ASN B 296 29.42 -19.61 -0.25
CA ASN B 296 30.62 -19.12 -0.90
C ASN B 296 30.67 -19.37 -2.39
N ASP B 297 29.57 -19.77 -3.01
CA ASP B 297 29.59 -20.30 -4.35
C ASP B 297 28.70 -19.56 -5.35
N ASP B 298 27.93 -18.59 -4.94
CA ASP B 298 27.04 -17.90 -5.87
C ASP B 298 26.98 -16.42 -5.49
N ASP B 299 27.58 -15.55 -6.28
CA ASP B 299 27.65 -14.17 -5.82
C ASP B 299 26.35 -13.40 -6.08
N HIS B 300 25.29 -14.10 -6.47
CA HIS B 300 23.93 -13.57 -6.58
C HIS B 300 23.12 -13.72 -5.30
N LYS B 301 23.61 -14.51 -4.35
CA LYS B 301 22.85 -14.93 -3.17
C LYS B 301 23.40 -14.26 -1.93
N TRP B 302 22.52 -13.62 -1.16
CA TRP B 302 22.91 -12.78 -0.04
C TRP B 302 22.19 -13.25 1.21
N HIS B 303 22.86 -13.11 2.35
CA HIS B 303 22.30 -13.42 3.66
C HIS B 303 21.74 -12.13 4.27
N MET B 304 20.41 -12.07 4.42
CA MET B 304 19.71 -10.94 4.99
C MET B 304 19.26 -11.27 6.39
N THR B 305 19.82 -10.59 7.37
CA THR B 305 19.26 -10.63 8.70
C THR B 305 18.00 -9.77 8.70
N VAL B 306 16.92 -10.26 9.33
CA VAL B 306 15.63 -9.59 9.29
C VAL B 306 15.29 -9.09 10.69
N THR B 307 14.72 -7.91 10.74
CA THR B 307 14.24 -7.25 11.93
C THR B 307 12.72 -7.19 11.85
N SER B 308 12.11 -6.72 12.94
CA SER B 308 10.73 -6.34 12.85
C SER B 308 10.59 -5.12 11.93
N PRO B 309 9.38 -4.87 11.42
CA PRO B 309 9.20 -3.72 10.52
C PRO B 309 9.63 -2.38 11.10
N ASN B 310 9.62 -2.21 12.43
CA ASN B 310 10.03 -0.93 13.00
C ASN B 310 11.54 -0.82 13.10
N GLY B 311 12.28 -1.82 12.63
CA GLY B 311 13.72 -1.82 12.67
C GLY B 311 14.32 -2.47 13.89
N ALA B 312 13.49 -2.87 14.84
CA ALA B 312 13.95 -3.45 16.09
C ALA B 312 14.17 -4.95 15.95
N ALA B 313 15.10 -5.47 16.75
CA ALA B 313 15.40 -6.90 16.74
C ALA B 313 14.16 -7.74 16.93
N PHE B 314 14.08 -8.81 16.14
CA PHE B 314 13.06 -9.84 16.26
C PHE B 314 13.53 -10.93 17.21
N ASP B 315 12.63 -11.37 18.07
CA ASP B 315 12.90 -12.40 19.07
C ASP B 315 12.39 -13.76 18.58
N PRO B 316 13.25 -14.69 18.19
CA PRO B 316 12.74 -15.97 17.64
C PRO B 316 11.82 -16.74 18.58
N THR B 317 11.80 -16.42 19.88
CA THR B 317 10.97 -17.17 20.82
C THR B 317 9.60 -16.53 21.04
N GLU B 318 9.32 -15.38 20.43
CA GLU B 318 7.99 -14.78 20.56
C GLU B 318 6.96 -15.70 19.92
N ASP B 319 5.73 -15.67 20.44
CA ASP B 319 4.69 -16.62 20.03
C ASP B 319 3.97 -16.15 18.75
N VAL B 320 4.77 -15.97 17.71
CA VAL B 320 4.27 -15.61 16.37
C VAL B 320 5.02 -16.50 15.39
N PRO B 321 4.47 -16.68 14.19
CA PRO B 321 5.16 -17.57 13.23
C PRO B 321 6.45 -17.02 12.67
N ALA B 322 6.59 -15.70 12.58
CA ALA B 322 7.67 -15.03 11.86
C ALA B 322 7.51 -13.54 12.14
N PRO B 323 8.45 -12.67 11.72
CA PRO B 323 8.26 -11.24 11.94
C PRO B 323 7.01 -10.76 11.21
N LEU B 324 6.39 -9.72 11.75
CA LEU B 324 5.13 -9.24 11.16
C LEU B 324 5.34 -8.87 9.70
N GLY B 325 4.38 -9.25 8.86
CA GLY B 325 4.42 -8.93 7.44
C GLY B 325 5.19 -9.91 6.60
N THR B 326 5.92 -10.85 7.21
CA THR B 326 6.64 -11.87 6.45
C THR B 326 5.71 -12.56 5.45
N PRO B 327 6.18 -12.87 4.23
CA PRO B 327 5.30 -13.60 3.29
C PRO B 327 4.77 -14.89 3.91
N ASP B 328 3.51 -15.21 3.56
CA ASP B 328 2.80 -16.38 4.09
C ASP B 328 2.46 -17.44 3.04
N PHE B 329 3.21 -17.50 1.96
CA PHE B 329 2.95 -18.53 0.96
C PHE B 329 4.23 -18.98 0.32
N THR B 330 4.12 -20.07 -0.42
CA THR B 330 5.25 -20.67 -1.10
C THR B 330 5.38 -20.10 -2.50
N GLY B 331 6.58 -19.61 -2.84
CA GLY B 331 6.80 -19.05 -4.15
C GLY B 331 8.10 -18.26 -4.18
N ASP B 332 8.41 -17.79 -5.37
CA ASP B 332 9.60 -16.98 -5.61
C ASP B 332 9.08 -15.55 -5.74
N ILE B 333 9.19 -14.80 -4.64
CA ILE B 333 8.62 -13.46 -4.58
C ILE B 333 9.60 -12.46 -5.17
N TYR B 334 9.12 -11.70 -6.14
CA TYR B 334 9.92 -10.76 -6.90
C TYR B 334 9.70 -9.34 -6.41
N GLY B 335 10.80 -8.58 -6.29
CA GLY B 335 10.71 -7.22 -5.83
C GLY B 335 12.00 -6.46 -6.00
N VAL B 336 12.24 -5.50 -5.13
CA VAL B 336 13.42 -4.65 -5.20
C VAL B 336 14.10 -4.65 -3.84
N LEU B 337 15.41 -4.88 -3.84
CA LEU B 337 16.27 -4.76 -2.67
C LEU B 337 16.89 -3.39 -2.71
N SER B 338 16.61 -2.56 -1.70
CA SER B 338 17.20 -1.23 -1.62
C SER B 338 18.01 -1.08 -0.33
N GLN B 339 19.04 -0.25 -0.40
CA GLN B 339 19.93 0.02 0.72
C GLN B 339 20.21 1.51 0.85
N ARG B 340 20.23 1.99 2.09
CA ARG B 340 20.75 3.30 2.45
C ARG B 340 21.81 3.09 3.52
N ASP B 341 23.05 3.47 3.21
CA ASP B 341 24.18 3.16 4.09
C ASP B 341 23.99 3.78 5.48
N ARG B 342 24.57 3.12 6.50
CA ARG B 342 24.39 3.60 7.86
C ARG B 342 25.39 4.69 8.25
N ASN B 343 26.51 4.80 7.57
CA ASN B 343 27.48 5.86 7.78
C ASN B 343 27.62 6.71 6.51
N ILE B 344 28.13 7.92 6.69
CA ILE B 344 28.50 8.81 5.59
C ILE B 344 29.98 8.64 5.34
N ASN B 345 30.36 8.47 4.09
CA ASN B 345 31.75 8.20 3.73
C ASN B 345 32.56 9.49 3.66
N PRO B 346 33.87 9.42 3.89
CA PRO B 346 34.69 10.64 3.87
C PRO B 346 34.67 11.30 2.51
N GLY B 347 34.55 12.62 2.50
CA GLY B 347 34.37 13.36 1.28
C GLY B 347 32.94 13.53 0.86
N GLN B 348 32.00 12.94 1.61
CA GLN B 348 30.58 12.99 1.32
C GLN B 348 29.84 13.69 2.46
N THR B 349 28.61 14.10 2.17
CA THR B 349 27.71 14.70 3.14
C THR B 349 26.43 13.90 3.37
N ALA B 350 26.18 12.88 2.57
CA ALA B 350 24.96 12.08 2.66
C ALA B 350 25.31 10.62 2.42
N PRO B 351 24.53 9.70 2.97
CA PRO B 351 24.83 8.28 2.76
C PRO B 351 24.56 7.84 1.35
N ALA B 352 25.33 6.84 0.91
CA ALA B 352 25.16 6.27 -0.41
C ALA B 352 23.95 5.34 -0.43
N ASN B 353 23.43 5.11 -1.62
CA ASN B 353 22.24 4.29 -1.82
C ASN B 353 22.44 3.35 -3.00
N ARG B 354 21.74 2.22 -2.99
CA ARG B 354 21.68 1.38 -4.17
C ARG B 354 20.43 0.53 -4.08
N ALA B 355 19.89 0.14 -5.24
CA ALA B 355 18.74 -0.75 -5.32
C ALA B 355 18.83 -1.64 -6.56
N HIS B 356 18.28 -2.85 -6.45
CA HIS B 356 18.32 -3.83 -7.51
C HIS B 356 17.11 -4.75 -7.43
N GLU B 357 16.74 -5.27 -8.58
CA GLU B 357 15.73 -6.33 -8.63
C GLU B 357 16.21 -7.50 -7.79
N ALA B 358 15.27 -8.14 -7.09
CA ALA B 358 15.64 -9.19 -6.16
C ALA B 358 14.50 -10.18 -6.06
N VAL B 359 14.85 -11.39 -5.58
CA VAL B 359 13.89 -12.47 -5.40
C VAL B 359 14.11 -13.11 -4.04
N VAL B 360 13.04 -13.24 -3.28
CA VAL B 360 13.03 -13.97 -2.03
C VAL B 360 12.28 -15.27 -2.28
N SER B 361 12.98 -16.40 -2.32
CA SER B 361 12.33 -17.69 -2.52
C SER B 361 11.91 -18.24 -1.16
N THR B 362 10.62 -18.35 -0.90
CA THR B 362 10.18 -18.84 0.41
C THR B 362 10.20 -20.35 0.56
N ARG B 363 10.49 -21.11 -0.50
CA ARG B 363 10.66 -22.56 -0.43
C ARG B 363 12.10 -22.96 -0.13
N SER B 364 13.03 -22.01 -0.22
CA SER B 364 14.42 -22.29 0.08
C SER B 364 14.60 -22.73 1.53
N ASN B 365 15.50 -23.70 1.73
CA ASN B 365 15.86 -24.07 3.08
C ASN B 365 16.53 -22.94 3.83
N LYS B 366 16.95 -21.89 3.13
CA LYS B 366 17.51 -20.70 3.74
C LYS B 366 16.47 -19.63 4.00
N PHE B 367 15.21 -19.91 3.72
CA PHE B 367 14.14 -19.02 4.16
C PHE B 367 13.81 -19.33 5.62
N THR B 368 14.42 -18.61 6.57
CA THR B 368 14.22 -18.87 7.98
C THR B 368 13.94 -17.58 8.74
N PRO B 369 12.86 -16.87 8.38
CA PRO B 369 12.62 -15.57 9.02
C PRO B 369 12.32 -15.69 10.49
N LYS B 370 11.71 -16.80 10.93
CA LYS B 370 11.47 -17.01 12.35
C LYS B 370 12.77 -17.13 13.13
N LEU B 371 13.86 -17.47 12.47
CA LEU B 371 15.19 -17.47 13.06
C LEU B 371 15.95 -16.19 12.79
N GLY B 372 15.35 -15.23 12.10
CA GLY B 372 15.98 -13.95 11.88
C GLY B 372 16.79 -13.81 10.61
N SER B 373 16.59 -14.70 9.62
CA SER B 373 17.27 -14.49 8.36
C SER B 373 16.59 -15.13 7.16
N VAL B 374 16.85 -14.54 5.99
CA VAL B 374 16.43 -15.14 4.72
C VAL B 374 17.57 -14.99 3.72
N MET B 375 17.52 -15.83 2.70
CA MET B 375 18.39 -15.64 1.56
C MET B 375 17.68 -14.79 0.52
N ILE B 376 18.34 -13.76 0.03
CA ILE B 376 17.77 -12.91 -1.00
C ILE B 376 18.71 -12.96 -2.19
N ALA B 377 18.16 -13.12 -3.39
CA ALA B 377 18.96 -13.26 -4.60
C ALA B 377 18.78 -12.06 -5.52
N THR B 378 19.88 -11.63 -6.14
CA THR B 378 19.85 -10.55 -7.11
C THR B 378 20.46 -11.01 -8.43
N TRP B 379 19.83 -10.65 -9.55
CA TRP B 379 20.55 -10.73 -10.83
C TRP B 379 21.87 -9.97 -10.75
N GLU B 380 21.88 -8.87 -10.00
CA GLU B 380 23.11 -8.15 -9.66
C GLU B 380 24.05 -9.04 -8.86
N THR B 381 25.35 -8.91 -9.11
CA THR B 381 26.28 -9.89 -8.55
C THR B 381 27.14 -9.32 -7.45
N THR B 382 27.24 -8.02 -7.37
CA THR B 382 28.26 -7.46 -6.49
C THR B 382 27.80 -6.18 -5.84
N ASP B 383 26.93 -5.44 -6.51
CA ASP B 383 26.64 -4.12 -6.00
C ASP B 383 25.61 -4.19 -4.88
N VAL B 384 25.85 -5.07 -3.92
CA VAL B 384 25.09 -5.14 -2.66
C VAL B 384 26.09 -5.11 -1.51
N LEU B 385 25.87 -4.22 -0.56
CA LEU B 385 26.82 -4.03 0.54
C LEU B 385 26.22 -4.54 1.84
N GLN B 386 27.05 -4.60 2.87
CA GLN B 386 26.66 -5.02 4.20
C GLN B 386 26.09 -3.81 4.95
N GLN B 387 24.83 -3.51 4.61
CA GLN B 387 24.19 -2.24 4.97
C GLN B 387 22.69 -2.48 5.23
N PRO B 388 22.05 -1.54 5.90
CA PRO B 388 20.59 -1.65 6.09
C PRO B 388 19.87 -1.78 4.75
N THR B 389 18.87 -2.70 4.73
CA THR B 389 18.30 -3.21 3.50
C THR B 389 16.78 -3.34 3.65
N LYS B 390 16.05 -2.94 2.61
CA LYS B 390 14.62 -3.19 2.52
C LYS B 390 14.32 -4.00 1.28
N PHE B 391 13.35 -4.92 1.39
CA PHE B 391 12.81 -5.62 0.22
C PHE B 391 11.38 -5.15 -0.01
N THR B 392 11.16 -4.46 -1.13
CA THR B 392 9.83 -4.01 -1.55
C THR B 392 9.21 -5.05 -2.47
N PRO B 393 8.07 -5.64 -2.12
CA PRO B 393 7.46 -6.65 -3.00
C PRO B 393 6.76 -6.04 -4.21
N VAL B 394 6.93 -6.69 -5.36
CA VAL B 394 6.28 -6.27 -6.59
C VAL B 394 5.36 -7.37 -7.15
N GLY B 395 5.85 -8.61 -7.19
CA GLY B 395 5.02 -9.74 -7.65
C GLY B 395 5.75 -11.05 -7.44
N LEU B 396 5.67 -11.94 -8.43
CA LEU B 396 6.33 -13.25 -8.37
C LEU B 396 7.36 -13.31 -9.49
N GLU B 397 8.45 -14.04 -9.26
CA GLU B 397 9.43 -14.22 -10.33
C GLU B 397 8.84 -15.03 -11.49
N SER B 398 8.02 -16.00 -11.17
CA SER B 398 7.34 -16.83 -12.15
C SER B 398 6.26 -17.60 -11.42
N PRO B 399 5.42 -18.31 -12.13
CA PRO B 399 4.40 -19.13 -11.47
C PRO B 399 4.91 -20.49 -11.01
N ASN B 400 6.14 -20.84 -11.34
CA ASN B 400 6.71 -22.12 -10.93
C ASN B 400 6.73 -22.20 -9.40
N HIS B 401 6.10 -23.25 -8.86
CA HIS B 401 6.11 -23.56 -7.45
C HIS B 401 5.34 -22.54 -6.62
N TYR B 402 4.53 -21.71 -7.28
CA TYR B 402 3.63 -20.83 -6.56
C TYR B 402 2.42 -21.61 -6.05
N ASN B 403 2.25 -21.61 -4.74
CA ASN B 403 1.09 -22.20 -4.08
C ASN B 403 0.71 -21.24 -2.97
N GLN B 404 -0.35 -20.48 -3.18
CA GLN B 404 -0.68 -19.42 -2.24
C GLN B 404 -1.17 -19.95 -0.91
N TRP B 405 -1.58 -21.22 -0.86
CA TRP B 405 -2.14 -21.78 0.37
C TRP B 405 -1.16 -22.72 1.06
N GLN B 406 0.07 -22.82 0.56
CA GLN B 406 1.09 -23.63 1.20
C GLN B 406 1.98 -22.70 2.02
N LEU B 407 1.86 -22.79 3.32
CA LEU B 407 2.70 -21.96 4.18
C LEU B 407 4.15 -22.31 3.96
N PRO B 408 5.04 -21.35 4.00
CA PRO B 408 6.47 -21.66 4.00
C PRO B 408 6.85 -22.23 5.35
N ASN B 409 8.05 -22.83 5.41
CA ASN B 409 8.64 -23.24 6.68
C ASN B 409 9.40 -22.06 7.28
N TYR B 410 8.77 -21.34 8.21
CA TYR B 410 9.37 -20.13 8.72
C TYR B 410 10.70 -20.37 9.43
N SER B 411 10.95 -21.59 9.95
CA SER B 411 12.19 -21.94 10.64
C SER B 411 13.06 -22.88 9.82
N GLY B 412 12.76 -23.05 8.54
CA GLY B 412 13.58 -23.90 7.71
C GLY B 412 13.25 -25.37 7.84
N ALA B 413 14.17 -26.19 7.38
CA ALA B 413 13.86 -27.61 7.12
C ALA B 413 13.62 -28.40 8.40
N LEU B 414 12.64 -29.31 8.33
CA LEU B 414 12.32 -30.27 9.39
C LEU B 414 11.81 -29.61 10.67
N THR B 415 11.55 -28.32 10.68
CA THR B 415 10.98 -27.64 11.83
C THR B 415 9.58 -27.17 11.49
N LEU B 416 8.64 -27.41 12.39
CA LEU B 416 7.27 -27.03 12.07
C LEU B 416 7.01 -25.58 12.47
N ASN B 417 6.02 -24.99 11.82
CA ASN B 417 5.64 -23.63 12.17
C ASN B 417 4.89 -23.62 13.50
N MET B 418 4.88 -22.48 14.16
CA MET B 418 4.14 -22.29 15.39
C MET B 418 3.46 -20.92 15.36
N GLY B 419 2.71 -20.63 16.42
CA GLY B 419 2.02 -19.35 16.56
C GLY B 419 1.01 -19.04 15.47
N LEU B 420 0.45 -20.08 14.82
CA LEU B 420 -0.31 -19.85 13.60
C LEU B 420 -1.72 -19.35 13.88
N ALA B 421 -2.18 -18.45 13.04
CA ALA B 421 -3.61 -18.21 12.95
C ALA B 421 -4.24 -19.49 12.42
N PRO B 422 -5.43 -19.85 12.89
CA PRO B 422 -6.01 -21.17 12.54
C PRO B 422 -6.49 -21.24 11.10
N SER B 423 -6.61 -22.47 10.63
CA SER B 423 -7.20 -22.71 9.33
C SER B 423 -8.65 -22.30 9.35
N VAL B 424 -9.19 -21.98 8.18
CA VAL B 424 -10.56 -21.52 8.04
C VAL B 424 -11.22 -22.38 6.98
N PHE B 425 -12.49 -22.74 7.20
CA PHE B 425 -13.23 -23.56 6.24
C PHE B 425 -14.72 -23.43 6.49
N PRO B 426 -15.55 -23.55 5.46
CA PRO B 426 -17.00 -23.61 5.68
C PRO B 426 -17.40 -24.93 6.29
N THR B 427 -18.55 -24.91 6.95
CA THR B 427 -19.07 -26.12 7.60
C THR B 427 -20.53 -26.37 7.19
N TYR B 428 -21.29 -25.31 6.88
CA TYR B 428 -22.69 -25.45 6.49
C TYR B 428 -22.78 -26.00 5.06
N PRO B 429 -23.69 -26.94 4.81
CA PRO B 429 -23.63 -27.68 3.53
C PRO B 429 -23.94 -26.76 2.37
N GLY B 430 -23.07 -26.78 1.37
CA GLY B 430 -23.24 -25.90 0.23
C GLY B 430 -22.58 -24.53 0.34
N GLU B 431 -21.81 -24.26 1.39
CA GLU B 431 -21.11 -22.99 1.51
C GLU B 431 -19.67 -23.13 1.04
N GLN B 432 -19.15 -22.01 0.52
CA GLN B 432 -17.76 -21.87 0.11
C GLN B 432 -17.23 -20.59 0.71
N ILE B 433 -15.89 -20.48 0.80
CA ILE B 433 -15.28 -19.23 1.22
C ILE B 433 -15.37 -18.24 0.07
N LEU B 434 -15.67 -17.00 0.40
CA LEU B 434 -15.58 -15.87 -0.52
C LEU B 434 -14.28 -15.13 -0.29
N PHE B 435 -13.51 -14.93 -1.37
CA PHE B 435 -12.22 -14.29 -1.34
C PHE B 435 -12.23 -12.93 -2.04
N PHE B 436 -11.25 -12.09 -1.69
CA PHE B 436 -10.99 -10.82 -2.39
C PHE B 436 -9.73 -11.08 -3.22
N ARG B 437 -9.88 -11.07 -4.55
CA ARG B 437 -8.85 -11.56 -5.45
C ARG B 437 -8.13 -10.40 -6.13
N SER B 438 -6.79 -10.50 -6.20
CA SER B 438 -5.96 -9.53 -6.90
C SER B 438 -5.07 -10.26 -7.88
N PHE B 439 -4.92 -9.74 -9.09
CA PHE B 439 -3.91 -10.26 -9.99
C PHE B 439 -2.53 -9.79 -9.56
N ILE B 440 -1.55 -10.69 -9.59
CA ILE B 440 -0.22 -10.42 -9.06
C ILE B 440 0.76 -10.44 -10.21
N PRO B 441 1.60 -9.44 -10.37
CA PRO B 441 2.49 -9.42 -11.53
C PRO B 441 3.50 -10.55 -11.49
N LEU B 442 3.95 -10.90 -12.70
CA LEU B 442 4.95 -11.94 -12.94
C LEU B 442 6.12 -11.38 -13.73
N LYS B 443 7.35 -11.68 -13.26
CA LYS B 443 8.56 -11.29 -14.00
C LYS B 443 8.75 -12.11 -15.26
N GLY B 444 8.17 -13.31 -15.29
CA GLY B 444 8.19 -14.12 -16.50
C GLY B 444 7.31 -15.34 -16.35
N GLY B 445 7.27 -16.14 -17.42
CA GLY B 445 6.49 -17.35 -17.43
C GLY B 445 5.08 -17.13 -17.93
N TYR B 446 4.36 -18.24 -18.12
CA TYR B 446 2.98 -18.23 -18.61
C TYR B 446 2.04 -18.35 -17.43
N GLY B 447 1.09 -17.44 -17.34
CA GLY B 447 0.10 -17.53 -16.26
C GLY B 447 -0.70 -16.28 -16.06
N ASN B 448 -1.86 -16.45 -15.44
CA ASN B 448 -2.68 -15.32 -15.02
C ASN B 448 -2.79 -15.35 -13.50
N SER B 449 -1.64 -15.33 -12.84
CA SER B 449 -1.58 -15.59 -11.42
C SER B 449 -2.34 -14.55 -10.63
N ALA B 450 -2.95 -15.01 -9.55
CA ALA B 450 -3.68 -14.16 -8.63
C ALA B 450 -3.33 -14.54 -7.19
N ILE B 451 -3.65 -13.65 -6.26
CA ILE B 451 -3.54 -13.95 -4.83
C ILE B 451 -4.83 -13.50 -4.17
N ASP B 452 -5.33 -14.34 -3.25
CA ASP B 452 -6.63 -14.17 -2.62
C ASP B 452 -6.49 -13.86 -1.14
N CYS B 453 -7.26 -12.90 -0.62
CA CYS B 453 -7.23 -12.63 0.81
C CYS B 453 -8.63 -12.83 1.37
N LEU B 454 -8.70 -12.99 2.69
CA LEU B 454 -9.96 -13.30 3.35
C LEU B 454 -10.76 -12.04 3.65
N VAL B 455 -10.11 -10.95 4.01
CA VAL B 455 -10.78 -9.65 4.14
C VAL B 455 -9.82 -8.57 3.69
N PRO B 456 -10.33 -7.45 3.19
CA PRO B 456 -9.43 -6.38 2.74
C PRO B 456 -8.64 -5.78 3.88
N GLN B 457 -7.50 -5.17 3.53
CA GLN B 457 -6.66 -4.55 4.54
C GLN B 457 -7.43 -3.47 5.30
N GLU B 458 -8.31 -2.74 4.59
CA GLU B 458 -9.05 -1.67 5.26
C GLU B 458 -10.04 -2.22 6.28
N TRP B 459 -10.53 -3.44 6.09
CA TRP B 459 -11.40 -4.04 7.09
C TRP B 459 -10.61 -4.35 8.35
N ILE B 460 -9.39 -4.86 8.19
CA ILE B 460 -8.51 -5.12 9.31
C ILE B 460 -8.25 -3.84 10.09
N GLN B 461 -7.92 -2.74 9.37
CA GLN B 461 -7.68 -1.47 10.05
C GLN B 461 -8.92 -1.01 10.78
N HIS B 462 -10.10 -1.27 10.22
CA HIS B 462 -11.34 -0.83 10.84
C HIS B 462 -11.63 -1.61 12.11
N PHE B 463 -11.58 -2.94 12.01
CA PHE B 463 -11.92 -3.77 13.17
C PHE B 463 -10.90 -3.55 14.29
N TYR B 464 -9.62 -3.44 13.94
CA TYR B 464 -8.59 -3.16 14.92
C TYR B 464 -8.91 -1.91 15.74
N GLN B 465 -9.35 -0.85 15.07
CA GLN B 465 -9.68 0.40 15.78
C GLN B 465 -10.99 0.29 16.54
N GLU B 466 -12.03 -0.32 15.94
CA GLU B 466 -13.35 -0.30 16.55
C GLU B 466 -13.38 -1.19 17.79
N SER B 467 -12.76 -2.37 17.72
CA SER B 467 -12.78 -3.35 18.80
C SER B 467 -14.20 -3.60 19.32
N ALA B 468 -15.13 -3.73 18.41
CA ALA B 468 -16.51 -3.99 18.79
C ALA B 468 -16.69 -5.45 19.20
N PRO B 469 -17.35 -5.74 20.31
CA PRO B 469 -17.50 -7.13 20.75
C PRO B 469 -18.33 -7.92 19.77
N SER B 470 -17.98 -9.18 19.60
CA SER B 470 -18.74 -10.05 18.70
C SER B 470 -19.80 -10.77 19.51
N GLN B 471 -21.08 -10.59 19.14
CA GLN B 471 -22.19 -11.08 19.93
C GLN B 471 -22.52 -12.54 19.68
N THR B 472 -22.17 -13.05 18.49
CA THR B 472 -22.23 -14.48 18.18
C THR B 472 -20.98 -14.80 17.39
N ASP B 473 -20.85 -16.04 16.96
CA ASP B 473 -19.72 -16.39 16.13
C ASP B 473 -19.89 -15.98 14.66
N VAL B 474 -21.04 -15.44 14.27
CA VAL B 474 -21.32 -15.25 12.84
C VAL B 474 -22.11 -13.97 12.61
N ALA B 475 -21.56 -13.07 11.80
CA ALA B 475 -22.24 -11.85 11.37
C ALA B 475 -22.92 -12.05 10.01
N LEU B 476 -24.23 -11.82 9.97
CA LEU B 476 -24.90 -11.80 8.69
C LEU B 476 -24.61 -10.46 8.03
N ILE B 477 -24.01 -10.50 6.84
CA ILE B 477 -23.67 -9.30 6.08
C ILE B 477 -24.31 -9.36 4.71
N ARG B 478 -24.63 -8.17 4.17
CA ARG B 478 -25.32 -8.01 2.90
C ARG B 478 -24.52 -7.11 1.97
N TYR B 479 -24.34 -7.55 0.73
CA TYR B 479 -23.71 -6.76 -0.31
C TYR B 479 -24.78 -5.88 -0.95
N VAL B 480 -24.60 -4.56 -0.82
CA VAL B 480 -25.66 -3.62 -1.18
C VAL B 480 -25.14 -2.67 -2.24
N ASN B 481 -26.05 -2.25 -3.11
CA ASN B 481 -25.74 -1.16 -4.02
C ASN B 481 -26.17 0.12 -3.33
N PRO B 482 -25.24 1.02 -3.02
CA PRO B 482 -25.63 2.23 -2.27
C PRO B 482 -26.54 3.15 -3.06
N GLU B 483 -26.33 3.27 -4.37
CA GLU B 483 -27.17 4.09 -5.23
C GLU B 483 -28.62 3.63 -5.16
N THR B 484 -28.93 2.46 -5.73
CA THR B 484 -30.30 1.98 -5.71
C THR B 484 -30.74 1.48 -4.35
N GLY B 485 -29.81 1.32 -3.40
CA GLY B 485 -30.14 0.70 -2.14
C GLY B 485 -30.47 -0.78 -2.23
N ARG B 486 -30.20 -1.42 -3.35
CA ARG B 486 -30.62 -2.80 -3.50
C ARG B 486 -29.61 -3.76 -2.90
N VAL B 487 -30.11 -4.76 -2.19
CA VAL B 487 -29.30 -5.82 -1.65
C VAL B 487 -29.14 -6.89 -2.71
N LEU B 488 -27.89 -7.24 -3.02
CA LEU B 488 -27.53 -8.10 -4.13
C LEU B 488 -27.34 -9.56 -3.72
N PHE B 489 -26.71 -9.81 -2.58
CA PHE B 489 -26.61 -11.15 -2.03
C PHE B 489 -26.26 -11.04 -0.55
N GLU B 490 -26.34 -12.17 0.15
CA GLU B 490 -25.99 -12.17 1.56
C GLU B 490 -24.89 -13.19 1.84
N ALA B 491 -24.15 -12.95 2.93
CA ALA B 491 -23.00 -13.77 3.30
C ALA B 491 -22.81 -13.76 4.82
N LYS B 492 -21.93 -14.65 5.31
CA LYS B 492 -21.58 -14.78 6.71
C LYS B 492 -20.16 -14.32 6.92
N LEU B 493 -19.97 -13.31 7.77
CA LEU B 493 -18.64 -12.93 8.21
C LEU B 493 -18.38 -13.63 9.55
N HIS B 494 -17.51 -14.62 9.55
CA HIS B 494 -17.24 -15.39 10.77
C HIS B 494 -16.34 -14.61 11.71
N ARG B 495 -16.59 -14.78 13.01
CA ARG B 495 -15.78 -14.07 14.02
C ARG B 495 -14.30 -14.27 13.79
N GLN B 496 -13.90 -15.45 13.28
CA GLN B 496 -12.48 -15.69 13.06
C GLN B 496 -11.91 -14.79 11.96
N GLY B 497 -12.75 -14.20 11.12
CA GLY B 497 -12.31 -13.22 10.15
C GLY B 497 -12.24 -13.72 8.72
N PHE B 498 -13.27 -14.44 8.29
CA PHE B 498 -13.42 -14.85 6.90
C PHE B 498 -14.90 -14.90 6.57
N ILE B 499 -15.19 -14.90 5.26
CA ILE B 499 -16.55 -14.83 4.72
C ILE B 499 -16.89 -16.15 4.05
N THR B 500 -18.11 -16.66 4.28
CA THR B 500 -18.66 -17.75 3.50
C THR B 500 -19.97 -17.34 2.83
N VAL B 501 -20.29 -18.04 1.73
CA VAL B 501 -21.47 -17.76 0.92
C VAL B 501 -22.08 -19.09 0.50
N ALA B 502 -23.37 -19.06 0.20
CA ALA B 502 -24.07 -20.24 -0.33
C ALA B 502 -23.87 -20.27 -1.85
N LYS B 503 -22.75 -20.84 -2.27
CA LYS B 503 -22.41 -20.95 -3.68
C LYS B 503 -21.50 -22.15 -3.86
N THR B 504 -21.66 -22.85 -4.98
CA THR B 504 -20.75 -23.93 -5.35
C THR B 504 -20.15 -23.65 -6.72
N GLY B 505 -18.90 -24.02 -6.87
CA GLY B 505 -18.21 -23.82 -8.12
C GLY B 505 -17.37 -22.56 -8.04
N ASP B 506 -16.90 -22.14 -9.22
CA ASP B 506 -16.03 -20.97 -9.32
C ASP B 506 -16.51 -19.96 -10.35
N SER B 507 -17.77 -20.03 -10.74
CA SER B 507 -18.26 -19.13 -11.77
C SER B 507 -18.26 -17.69 -11.26
N PRO B 508 -18.21 -16.72 -12.18
CA PRO B 508 -17.97 -15.33 -11.79
C PRO B 508 -19.07 -14.75 -10.89
N ILE B 509 -18.65 -13.95 -9.92
CA ILE B 509 -19.55 -13.19 -9.05
C ILE B 509 -19.82 -11.85 -9.70
N ASN B 510 -21.06 -11.66 -10.21
CA ASN B 510 -21.46 -10.50 -10.99
C ASN B 510 -22.11 -9.46 -10.07
N VAL B 511 -21.39 -8.41 -9.70
CA VAL B 511 -21.94 -7.38 -8.79
C VAL B 511 -21.50 -6.00 -9.24
N PRO B 512 -22.29 -4.97 -8.90
CA PRO B 512 -21.96 -3.60 -9.35
C PRO B 512 -20.67 -3.10 -8.73
N ALA B 513 -20.11 -2.09 -9.41
CA ALA B 513 -18.86 -1.48 -8.97
C ALA B 513 -19.03 -0.75 -7.65
N ASN B 514 -20.16 -0.11 -7.44
CA ASN B 514 -20.38 0.73 -6.28
C ASN B 514 -20.81 -0.05 -5.05
N GLY B 515 -20.63 -1.36 -5.05
CA GLY B 515 -21.19 -2.19 -4.00
C GLY B 515 -20.27 -2.36 -2.81
N TYR B 516 -20.86 -2.56 -1.64
CA TYR B 516 -20.08 -2.86 -0.45
C TYR B 516 -20.89 -3.77 0.47
N PHE B 517 -20.19 -4.39 1.41
CA PHE B 517 -20.84 -5.19 2.42
C PHE B 517 -21.30 -4.32 3.57
N ARG B 518 -22.50 -4.60 4.06
CA ARG B 518 -23.09 -3.95 5.21
C ARG B 518 -23.42 -4.99 6.27
N PHE B 519 -23.00 -4.74 7.52
CA PHE B 519 -23.41 -5.62 8.61
C PHE B 519 -24.88 -5.43 8.93
N ASP B 520 -25.63 -6.54 9.00
CA ASP B 520 -27.05 -6.47 9.29
C ASP B 520 -27.43 -7.04 10.65
N SER B 521 -26.92 -8.20 11.05
CA SER B 521 -27.22 -8.72 12.37
C SER B 521 -26.29 -9.90 12.71
N TRP B 522 -26.27 -10.25 13.98
CA TRP B 522 -25.55 -11.43 14.46
C TRP B 522 -26.50 -12.63 14.39
N VAL B 523 -26.02 -13.75 13.87
CA VAL B 523 -26.89 -14.92 13.76
C VAL B 523 -26.26 -16.14 14.44
N ASN B 524 -27.10 -17.15 14.69
CA ASN B 524 -26.62 -18.41 15.29
C ASN B 524 -25.81 -19.19 14.25
N PRO B 525 -24.91 -20.05 14.70
CA PRO B 525 -24.19 -20.92 13.75
C PRO B 525 -25.18 -21.70 12.89
N PHE B 526 -24.78 -21.94 11.62
CA PHE B 526 -25.58 -22.74 10.68
C PHE B 526 -26.86 -22.04 10.24
N TYR B 527 -26.85 -20.71 10.30
CA TYR B 527 -27.87 -19.92 9.61
C TYR B 527 -27.87 -20.24 8.11
N SER B 528 -29.07 -20.34 7.52
CA SER B 528 -29.22 -20.70 6.11
C SER B 528 -29.27 -19.45 5.22
N LEU B 529 -28.24 -19.26 4.40
CA LEU B 529 -28.16 -18.12 3.50
C LEU B 529 -28.98 -18.33 2.21
N ALA B 530 -29.48 -17.22 1.67
CA ALA B 530 -30.02 -17.28 0.31
C ALA B 530 -28.91 -17.69 -0.65
N PRO B 531 -29.13 -18.68 -1.51
CA PRO B 531 -28.10 -19.03 -2.50
C PRO B 531 -27.82 -17.85 -3.43
N MET B 532 -26.53 -17.57 -3.63
CA MET B 532 -26.07 -16.58 -4.61
C MET B 532 -26.33 -17.08 -6.03
C1 EDO C . -11.15 7.07 -5.88
O1 EDO C . -10.64 5.94 -5.13
C2 EDO C . -12.55 7.41 -5.39
O2 EDO C . -13.38 6.24 -5.50
H11 EDO C . -11.16 6.82 -6.94
H12 EDO C . -10.48 7.92 -5.74
HO1 EDO C . -9.94 5.51 -5.63
H21 EDO C . -12.96 8.22 -6.00
H22 EDO C . -12.51 7.76 -4.36
HO2 EDO C . -14.25 6.44 -5.12
C1 EDO D . 17.63 4.11 -18.69
O1 EDO D . 16.90 4.87 -19.67
C2 EDO D . 16.93 4.20 -17.34
O2 EDO D . 16.69 5.57 -17.01
H11 EDO D . 17.70 3.07 -19.00
H12 EDO D . 18.65 4.50 -18.61
HO1 EDO D . 17.42 4.95 -20.47
H21 EDO D . 17.55 3.74 -16.57
H22 EDO D . 15.99 3.66 -17.39
HO2 EDO D . 16.15 5.62 -16.21
C1 EDO E . -10.74 14.75 -7.29
O1 EDO E . -10.12 15.67 -8.23
C2 EDO E . -9.86 13.52 -7.13
O2 EDO E . -10.59 12.40 -6.61
H11 EDO E . -11.73 14.46 -7.65
H12 EDO E . -10.87 15.25 -6.33
HO1 EDO E . -10.11 16.56 -7.85
H21 EDO E . -9.04 13.75 -6.45
H22 EDO E . -9.43 13.25 -8.10
HO2 EDO E . -9.98 11.72 -6.32
C1 EDO F . -2.24 9.52 -25.72
O1 EDO F . -2.93 10.54 -26.44
C2 EDO F . -1.41 8.72 -26.71
O2 EDO F . -1.48 7.34 -26.35
H11 EDO F . -2.96 8.88 -25.21
H12 EDO F . -1.59 9.97 -24.96
HO1 EDO F . -3.51 11.03 -25.84
H21 EDO F . -0.38 9.06 -26.71
H22 EDO F . -1.81 8.85 -27.73
HO2 EDO F . -1.11 6.80 -27.05
C1 EDO G . 1.44 32.37 0.17
O1 EDO G . 2.11 31.31 0.84
C2 EDO G . 1.13 31.96 -1.26
O2 EDO G . -0.19 32.43 -1.59
H11 EDO G . 2.07 33.27 0.17
H12 EDO G . 0.50 32.62 0.69
HO1 EDO G . 2.93 31.64 1.22
H21 EDO G . 1.17 30.87 -1.36
H22 EDO G . 1.86 32.39 -1.94
HO2 EDO G . -0.13 33.07 -2.31
C1 EDO H . 14.82 14.86 9.10
O1 EDO H . 13.67 14.01 9.16
C2 EDO H . 15.44 14.62 7.73
O2 EDO H . 14.94 13.38 7.24
H11 EDO H . 15.53 14.60 9.90
H12 EDO H . 14.53 15.90 9.22
HO1 EDO H . 13.35 13.96 10.06
H21 EDO H . 16.52 14.59 7.80
H22 EDO H . 15.17 15.44 7.05
HO2 EDO H . 15.29 13.20 6.36
C1 EDO I . -4.49 -2.77 -22.15
O1 EDO I . -5.01 -3.33 -23.37
C2 EDO I . -5.63 -2.38 -21.25
O2 EDO I . -5.96 -1.02 -21.55
H11 EDO I . -3.88 -1.89 -22.37
H12 EDO I . -3.84 -3.49 -21.65
HO1 EDO I . -5.21 -2.61 -23.99
H21 EDO I . -5.34 -2.47 -20.19
H22 EDO I . -6.49 -3.04 -21.41
HO2 EDO I . -6.47 -0.99 -22.38
C1 EDO J . 27.31 6.03 -4.47
O1 EDO J . 27.79 4.75 -4.86
C2 EDO J . 25.87 6.11 -4.93
O2 EDO J . 25.85 5.60 -6.28
H11 EDO J . 27.91 6.82 -4.92
H12 EDO J . 27.37 6.16 -3.39
HO1 EDO J . 28.56 4.51 -4.31
H21 EDO J . 25.52 7.14 -4.91
H22 EDO J . 25.23 5.52 -4.28
HO2 EDO J . 25.48 4.71 -6.28
C1 EDO K . 0.62 -4.08 13.52
O1 EDO K . 0.80 -2.90 12.73
C2 EDO K . 0.39 -3.80 15.01
O2 EDO K . 0.53 -2.40 15.33
H11 EDO K . 1.50 -4.71 13.43
H12 EDO K . -0.24 -4.63 13.14
HO1 EDO K . 1.47 -3.06 12.05
H21 EDO K . 1.10 -4.38 15.60
H22 EDO K . -0.62 -4.12 15.29
HO2 EDO K . -0.22 -1.91 14.97
C1 EDO L . -9.17 -21.26 -4.82
O1 EDO L . -8.13 -21.89 -4.07
C2 EDO L . -9.28 -19.81 -4.35
O2 EDO L . -8.09 -19.48 -3.64
H11 EDO L . -10.12 -21.78 -4.65
H12 EDO L . -8.95 -21.30 -5.88
HO1 EDO L . -8.22 -22.85 -4.14
H21 EDO L . -10.16 -19.69 -3.71
H22 EDO L . -9.40 -19.15 -5.22
HO2 EDO L . -7.91 -18.54 -3.74
C1 EDO M . 17.97 -15.60 -8.81
O1 EDO M . 16.79 -14.96 -9.31
C2 EDO M . 19.12 -14.74 -9.28
O2 EDO M . 18.53 -13.81 -10.19
H11 EDO M . 18.05 -16.62 -9.20
H12 EDO M . 17.95 -15.67 -7.71
HO1 EDO M . 16.64 -14.15 -8.80
H21 EDO M . 19.88 -15.33 -9.76
H22 EDO M . 19.58 -14.21 -8.44
HO2 EDO M . 19.19 -13.14 -10.44
C1 EDO N . 16.02 4.29 3.53
O1 EDO N . 15.36 4.05 4.77
C2 EDO N . 14.99 4.47 2.41
O2 EDO N . 14.48 3.20 2.08
H11 EDO N . 16.68 3.45 3.30
H12 EDO N . 16.63 5.19 3.61
HO1 EDO N . 14.66 4.70 4.89
H21 EDO N . 15.47 4.93 1.54
H22 EDO N . 14.19 5.13 2.74
HO2 EDO N . 13.71 3.00 2.64
C1 EDO O . -14.67 -20.48 -14.89
O1 EDO O . -15.83 -20.64 -14.07
C2 EDO O . -14.86 -19.21 -15.70
O2 EDO O . -15.56 -18.26 -14.88
H11 EDO O . -14.55 -21.33 -15.56
H12 EDO O . -13.78 -20.41 -14.26
HO1 EDO O . -16.46 -21.23 -14.53
H21 EDO O . -15.42 -19.41 -16.60
H22 EDO O . -13.89 -18.80 -15.98
HO2 EDO O . -15.59 -18.59 -13.96
C1 EDO P . -32.09 -18.50 7.79
O1 EDO P . -32.94 -18.46 6.64
C2 EDO P . -32.44 -19.72 8.63
O2 EDO P . -31.29 -20.27 9.23
H11 EDO P . -32.21 -17.60 8.37
H12 EDO P . -31.04 -18.57 7.48
HO1 EDO P . -33.49 -17.66 6.68
H21 EDO P . -32.93 -20.47 8.00
H22 EDO P . -33.16 -19.43 9.41
HO2 EDO P . -31.29 -20.07 10.18
C1 EDO Q . 23.03 -7.35 11.47
O1 EDO Q . 23.80 -6.18 11.09
C2 EDO Q . 21.99 -6.95 12.50
O2 EDO Q . 20.76 -6.64 11.79
H11 EDO Q . 23.69 -8.11 11.88
H12 EDO Q . 22.54 -7.77 10.59
HO1 EDO Q . 23.27 -5.62 10.51
H21 EDO Q . 22.32 -6.08 13.06
H22 EDO Q . 21.82 -7.76 13.21
HO2 EDO Q . 20.62 -5.69 11.79
C1 EDO R . -0.44 -11.49 16.03
O1 EDO R . 0.19 -12.78 15.89
C2 EDO R . 0.58 -10.40 15.72
O2 EDO R . 0.02 -9.38 14.86
H11 EDO R . -0.82 -11.37 17.05
H12 EDO R . -1.29 -11.42 15.34
HO1 EDO R . -0.38 -13.37 15.40
H21 EDO R . 1.45 -10.84 15.23
H22 EDO R . 0.92 -9.94 16.66
HO2 EDO R . 0.41 -9.45 13.99
C1 EDO S . -11.54 -29.61 7.55
O1 EDO S . -10.81 -28.84 6.58
C2 EDO S . -10.52 -30.27 8.47
O2 EDO S . -9.33 -29.48 8.36
H11 EDO S . -12.14 -30.37 7.04
H12 EDO S . -12.20 -28.96 8.11
HO1 EDO S . -11.05 -29.13 5.68
H21 EDO S . -10.35 -31.30 8.17
H22 EDO S . -10.89 -30.27 9.50
HO2 EDO S . -9.42 -28.69 8.90
C1 EDO T . 9.62 -3.54 5.55
O1 EDO T . 10.63 -2.51 5.59
C2 EDO T . 9.34 -4.01 6.98
O2 EDO T . 9.31 -5.44 7.01
H11 EDO T . 9.96 -4.37 4.94
H12 EDO T . 8.70 -3.14 5.11
HO1 EDO T . 10.46 -1.88 4.88
H21 EDO T . 8.38 -3.61 7.32
H22 EDO T . 10.12 -3.64 7.65
HO2 EDO T . 8.59 -5.73 7.61
C1 EDO U . -5.30 0.22 19.30
O1 EDO U . -5.58 1.63 19.32
C2 EDO U . -6.64 -0.48 19.12
O2 EDO U . -7.56 0.11 20.05
H11 EDO U . -4.82 -0.09 20.23
H12 EDO U . -4.62 -0.02 18.47
HO1 EDO U . -4.93 2.08 19.88
H21 EDO U . -6.55 -1.56 19.31
H22 EDO U . -7.01 -0.36 18.09
HO2 EDO U . -8.38 0.35 19.60
#